data_1IRJ
#
_entry.id   1IRJ
#
_cell.length_a   57.59
_cell.length_b   178.44
_cell.length_c   61.23
_cell.angle_alpha   90
_cell.angle_beta   113.17
_cell.angle_gamma   90
#
_symmetry.space_group_name_H-M   'P 1 21 1'
#
loop_
_entity.id
_entity.type
_entity.pdbx_description
1 polymer 'Migration Inhibitory Factor-Related Protein 14'
2 non-polymer 'CALCIUM ION'
3 non-polymer 3-[(3-CHOLAMIDOPROPYL)DIMETHYLAMMONIO]-1-PROPANESULFONATE
4 water water
#
_entity_poly.entity_id   1
_entity_poly.type   'polypeptide(L)'
_entity_poly.pdbx_seq_one_letter_code
;TCKMSQLERNIETIINTFHQYSVKLGHPDTLNQGEFKELVRKDLQNFLKKENKNEKVIEHIMEDLDTNADKQLSFEEFIM
LMARLTWASHEKMHEGDEGPGHHHKPGLGEGTP
;
_entity_poly.pdbx_strand_id   A,B,C,D,E,F,G,H
#
loop_
_chem_comp.id
_chem_comp.type
_chem_comp.name
_chem_comp.formula
CA non-polymer 'CALCIUM ION' 'Ca 2'
CPS non-polymer 3-[(3-CHOLAMIDOPROPYL)DIMETHYLAMMONIO]-1-PROPANESULFONATE 'C32 H58 N2 O7 S'
#
# COMPACT_ATOMS: atom_id res chain seq x y z
N THR A 1 -22.39 -22.91 -4.04
CA THR A 1 -23.32 -22.27 -5.01
C THR A 1 -22.86 -22.59 -6.44
N CYS A 2 -23.63 -22.11 -7.43
CA CYS A 2 -23.30 -22.33 -8.83
C CYS A 2 -22.12 -21.43 -9.13
N LYS A 3 -22.06 -20.33 -8.39
CA LYS A 3 -20.99 -19.36 -8.56
C LYS A 3 -19.64 -19.89 -8.05
N MET A 4 -19.67 -21.01 -7.32
CA MET A 4 -18.44 -21.60 -6.79
C MET A 4 -17.50 -22.09 -7.88
N SER A 5 -16.26 -21.63 -7.84
CA SER A 5 -15.27 -22.04 -8.81
C SER A 5 -14.97 -23.50 -8.53
N GLN A 6 -14.18 -24.12 -9.40
CA GLN A 6 -13.82 -25.51 -9.22
C GLN A 6 -12.85 -25.64 -8.05
N LEU A 7 -11.97 -24.67 -7.87
CA LEU A 7 -11.03 -24.69 -6.78
C LEU A 7 -11.84 -24.65 -5.48
N GLU A 8 -12.80 -23.73 -5.40
CA GLU A 8 -13.61 -23.63 -4.20
C GLU A 8 -14.38 -24.92 -3.88
N ARG A 9 -14.98 -25.54 -4.90
CA ARG A 9 -15.72 -26.77 -4.68
C ARG A 9 -14.80 -27.88 -4.20
N ASN A 10 -13.61 -27.96 -4.79
CA ASN A 10 -12.67 -29.01 -4.43
C ASN A 10 -12.09 -28.83 -3.01
N ILE A 11 -11.91 -27.57 -2.60
CA ILE A 11 -11.42 -27.27 -1.25
C ILE A 11 -12.50 -27.72 -0.25
N GLU A 12 -13.74 -27.34 -0.51
CA GLU A 12 -14.86 -27.74 0.36
C GLU A 12 -14.95 -29.26 0.52
N THR A 13 -14.73 -29.96 -0.59
CA THR A 13 -14.79 -31.42 -0.60
C THR A 13 -13.66 -32.04 0.22
N ILE A 14 -12.47 -31.44 0.15
CA ILE A 14 -11.34 -31.96 0.91
C ILE A 14 -11.61 -31.74 2.40
N ILE A 15 -12.14 -30.58 2.74
CA ILE A 15 -12.45 -30.28 4.14
C ILE A 15 -13.48 -31.28 4.66
N ASN A 16 -14.55 -31.46 3.88
CA ASN A 16 -15.62 -32.39 4.27
C ASN A 16 -15.15 -33.82 4.38
N THR A 17 -14.26 -34.24 3.49
CA THR A 17 -13.76 -35.60 3.52
C THR A 17 -12.87 -35.81 4.74
N PHE A 18 -12.09 -34.81 5.09
CA PHE A 18 -11.23 -34.91 6.26
C PHE A 18 -12.13 -35.12 7.48
N HIS A 19 -13.10 -34.23 7.68
CA HIS A 19 -13.99 -34.35 8.83
C HIS A 19 -14.88 -35.59 8.80
N GLN A 20 -15.14 -36.11 7.61
CA GLN A 20 -15.94 -37.32 7.45
C GLN A 20 -15.25 -38.46 8.19
N TYR A 21 -13.92 -38.47 8.16
CA TYR A 21 -13.16 -39.50 8.84
C TYR A 21 -12.74 -39.10 10.26
N SER A 22 -12.46 -37.83 10.48
CA SER A 22 -12.01 -37.39 11.80
C SER A 22 -13.07 -37.40 12.89
N VAL A 23 -14.35 -37.36 12.50
CA VAL A 23 -15.44 -37.35 13.46
C VAL A 23 -15.74 -38.76 13.98
N LYS A 24 -15.25 -39.78 13.28
CA LYS A 24 -15.54 -41.15 13.65
C LYS A 24 -15.17 -41.60 15.06
N LEU A 25 -13.94 -41.32 15.49
CA LEU A 25 -13.47 -41.75 16.81
C LEU A 25 -12.63 -40.69 17.49
N GLY A 26 -12.50 -40.81 18.81
CA GLY A 26 -11.71 -39.85 19.57
C GLY A 26 -12.14 -38.43 19.25
N HIS A 27 -11.21 -37.48 19.34
CA HIS A 27 -11.51 -36.09 19.05
C HIS A 27 -12.12 -36.02 17.64
N PRO A 28 -13.21 -35.26 17.49
CA PRO A 28 -13.92 -35.09 16.21
C PRO A 28 -13.17 -34.31 15.14
N ASP A 29 -12.23 -33.46 15.56
CA ASP A 29 -11.49 -32.62 14.62
C ASP A 29 -10.13 -33.14 14.17
N THR A 30 -9.75 -34.33 14.63
CA THR A 30 -8.46 -34.87 14.23
C THR A 30 -8.54 -36.33 13.91
N LEU A 31 -7.56 -36.81 13.15
CA LEU A 31 -7.48 -38.20 12.76
C LEU A 31 -6.49 -38.94 13.66
N ASN A 32 -6.93 -40.01 14.32
CA ASN A 32 -5.98 -40.79 15.11
C ASN A 32 -5.44 -41.76 14.07
N GLN A 33 -4.50 -42.62 14.45
CA GLN A 33 -3.91 -43.55 13.50
C GLN A 33 -4.90 -44.44 12.72
N GLY A 34 -5.95 -44.93 13.39
CA GLY A 34 -6.92 -45.78 12.73
C GLY A 34 -7.75 -45.02 11.69
N GLU A 35 -8.18 -43.82 12.04
CA GLU A 35 -8.96 -42.99 11.14
C GLU A 35 -8.12 -42.64 9.89
N PHE A 36 -6.83 -42.34 10.10
CA PHE A 36 -5.91 -42.00 9.01
C PHE A 36 -5.66 -43.19 8.09
N LYS A 37 -5.43 -44.37 8.69
CA LYS A 37 -5.21 -45.56 7.88
C LYS A 37 -6.42 -45.87 7.03
N GLU A 38 -7.61 -45.65 7.58
CA GLU A 38 -8.84 -45.92 6.84
C GLU A 38 -9.02 -44.96 5.66
N LEU A 39 -8.74 -43.67 5.88
CA LEU A 39 -8.87 -42.68 4.81
C LEU A 39 -7.89 -43.01 3.68
N VAL A 40 -6.65 -43.32 4.05
CA VAL A 40 -5.60 -43.67 3.11
C VAL A 40 -5.91 -44.92 2.29
N ARG A 41 -6.43 -45.95 2.96
CA ARG A 41 -6.78 -47.22 2.33
C ARG A 41 -8.00 -47.16 1.41
N LYS A 42 -9.00 -46.38 1.81
CA LYS A 42 -10.23 -46.24 1.05
C LYS A 42 -10.22 -45.14 -0.02
N ASP A 43 -9.59 -44.00 0.29
CA ASP A 43 -9.57 -42.87 -0.64
C ASP A 43 -8.25 -42.42 -1.25
N LEU A 44 -7.16 -43.14 -0.97
CA LEU A 44 -5.88 -42.81 -1.56
C LEU A 44 -5.31 -44.10 -2.12
N GLN A 45 -6.22 -44.94 -2.59
CA GLN A 45 -5.88 -46.23 -3.17
C GLN A 45 -4.88 -46.09 -4.32
N ASN A 46 -5.00 -45.00 -5.08
CA ASN A 46 -4.11 -44.77 -6.21
C ASN A 46 -2.89 -43.92 -5.87
N PHE A 47 -3.11 -42.74 -5.29
CA PHE A 47 -1.97 -41.88 -4.96
C PHE A 47 -1.03 -42.53 -3.95
N LEU A 48 -1.54 -43.50 -3.20
CA LEU A 48 -0.71 -44.19 -2.21
C LEU A 48 -0.87 -45.70 -2.37
N LYS A 49 -0.87 -46.16 -3.62
CA LYS A 49 -1.01 -47.58 -3.93
C LYS A 49 0.15 -48.40 -3.37
N LYS A 50 1.38 -47.94 -3.63
CA LYS A 50 2.56 -48.63 -3.13
C LYS A 50 2.51 -48.66 -1.59
N GLU A 51 2.73 -47.50 -0.97
CA GLU A 51 2.72 -47.36 0.48
C GLU A 51 1.60 -48.17 1.17
N ASN A 52 0.40 -48.13 0.61
CA ASN A 52 -0.74 -48.85 1.17
C ASN A 52 -0.48 -50.33 1.36
N LYS A 53 0.60 -50.83 0.76
CA LYS A 53 0.90 -52.25 0.86
C LYS A 53 1.74 -52.62 2.09
N ASN A 54 2.07 -51.62 2.88
CA ASN A 54 2.86 -51.84 4.09
C ASN A 54 2.35 -50.91 5.17
N GLU A 55 1.50 -51.45 6.04
CA GLU A 55 0.90 -50.71 7.13
C GLU A 55 1.94 -49.88 7.89
N LYS A 56 3.13 -50.44 8.08
CA LYS A 56 4.19 -49.72 8.79
C LYS A 56 4.59 -48.45 8.04
N VAL A 57 4.49 -48.48 6.72
CA VAL A 57 4.83 -47.32 5.90
C VAL A 57 3.80 -46.22 6.12
N ILE A 58 2.52 -46.59 6.15
CA ILE A 58 1.45 -45.63 6.37
C ILE A 58 1.65 -45.02 7.77
N GLU A 59 1.96 -45.87 8.74
CA GLU A 59 2.18 -45.37 10.09
C GLU A 59 3.31 -44.35 10.05
N HIS A 60 4.34 -44.63 9.26
CA HIS A 60 5.47 -43.73 9.17
C HIS A 60 5.09 -42.40 8.53
N ILE A 61 4.16 -42.44 7.57
CA ILE A 61 3.72 -41.22 6.91
C ILE A 61 3.01 -40.36 7.95
N MET A 62 2.17 -41.00 8.77
CA MET A 62 1.45 -40.26 9.79
C MET A 62 2.40 -39.56 10.77
N GLU A 63 3.46 -40.26 11.18
CA GLU A 63 4.44 -39.67 12.09
C GLU A 63 5.10 -38.47 11.44
N ASP A 64 5.32 -38.56 10.13
CA ASP A 64 5.94 -37.46 9.41
C ASP A 64 5.01 -36.25 9.39
N LEU A 65 3.72 -36.51 9.21
CA LEU A 65 2.72 -35.45 9.17
C LEU A 65 2.37 -34.89 10.54
N ASP A 66 2.55 -35.69 11.57
CA ASP A 66 2.19 -35.29 12.94
C ASP A 66 3.27 -34.39 13.56
N THR A 67 3.26 -33.14 13.09
CA THR A 67 4.16 -32.08 13.49
C THR A 67 4.37 -31.92 15.00
N ASN A 68 3.28 -31.85 15.77
CA ASN A 68 3.41 -31.68 17.20
C ASN A 68 3.46 -33.03 17.95
N ALA A 69 3.58 -34.12 17.18
CA ALA A 69 3.67 -35.47 17.71
C ALA A 69 2.70 -35.83 18.83
N ASP A 70 1.44 -35.43 18.70
CA ASP A 70 0.45 -35.74 19.72
C ASP A 70 -0.37 -36.95 19.29
N LYS A 71 0.12 -37.65 18.27
CA LYS A 71 -0.52 -38.86 17.75
C LYS A 71 -1.89 -38.61 17.10
N GLN A 72 -2.13 -37.37 16.71
CA GLN A 72 -3.38 -36.98 16.07
C GLN A 72 -3.04 -36.08 14.88
N LEU A 73 -3.78 -36.20 13.79
CA LEU A 73 -3.55 -35.32 12.64
C LEU A 73 -4.65 -34.28 12.57
N SER A 74 -4.24 -33.02 12.69
CA SER A 74 -5.18 -31.91 12.59
C SER A 74 -5.33 -31.70 11.08
N PHE A 75 -6.29 -30.88 10.69
CA PHE A 75 -6.49 -30.60 9.26
C PHE A 75 -5.22 -30.00 8.63
N GLU A 76 -4.66 -28.98 9.28
CA GLU A 76 -3.45 -28.34 8.77
C GLU A 76 -2.27 -29.30 8.63
N GLU A 77 -2.20 -30.33 9.48
CA GLU A 77 -1.14 -31.33 9.41
C GLU A 77 -1.41 -32.29 8.25
N PHE A 78 -2.64 -32.77 8.18
CA PHE A 78 -3.04 -33.69 7.14
C PHE A 78 -2.87 -33.15 5.71
N ILE A 79 -3.28 -31.90 5.45
CA ILE A 79 -3.15 -31.38 4.09
C ILE A 79 -1.73 -31.33 3.56
N MET A 80 -0.74 -31.35 4.44
CA MET A 80 0.65 -31.35 3.98
C MET A 80 0.91 -32.63 3.18
N LEU A 81 0.07 -33.63 3.37
CA LEU A 81 0.23 -34.87 2.61
C LEU A 81 0.16 -34.53 1.13
N MET A 82 -0.70 -33.58 0.76
CA MET A 82 -0.85 -33.17 -0.63
C MET A 82 0.47 -32.70 -1.25
N ALA A 83 1.30 -32.06 -0.43
CA ALA A 83 2.58 -31.55 -0.89
C ALA A 83 3.67 -32.62 -0.91
N ARG A 84 3.41 -33.76 -0.26
CA ARG A 84 4.41 -34.84 -0.20
C ARG A 84 4.29 -35.80 -1.38
N LEU A 85 3.12 -35.87 -2.00
CA LEU A 85 2.93 -36.77 -3.14
C LEU A 85 4.02 -36.56 -4.18
N CYS B 2 -8.01 -46.87 -13.93
CA CYS B 2 -7.89 -45.91 -12.79
C CYS B 2 -9.25 -45.37 -12.38
N LYS B 3 -9.63 -45.62 -11.14
CA LYS B 3 -10.89 -45.13 -10.62
C LYS B 3 -10.54 -44.21 -9.45
N MET B 4 -9.88 -43.09 -9.78
CA MET B 4 -9.48 -42.13 -8.76
C MET B 4 -10.66 -41.82 -7.86
N SER B 5 -10.40 -41.77 -6.55
CA SER B 5 -11.47 -41.44 -5.62
C SER B 5 -11.74 -39.95 -5.77
N GLN B 6 -12.82 -39.50 -5.15
CA GLN B 6 -13.20 -38.11 -5.17
C GLN B 6 -12.11 -37.28 -4.49
N LEU B 7 -11.45 -37.87 -3.49
CA LEU B 7 -10.41 -37.16 -2.75
C LEU B 7 -9.20 -36.93 -3.64
N GLU B 8 -8.78 -37.96 -4.37
CA GLU B 8 -7.65 -37.83 -5.27
C GLU B 8 -7.89 -36.81 -6.39
N ARG B 9 -9.13 -36.73 -6.88
CA ARG B 9 -9.51 -35.78 -7.93
C ARG B 9 -9.38 -34.37 -7.36
N ASN B 10 -9.87 -34.19 -6.13
CA ASN B 10 -9.80 -32.89 -5.45
C ASN B 10 -8.37 -32.41 -5.35
N ILE B 11 -7.50 -33.31 -4.89
CA ILE B 11 -6.10 -33.00 -4.73
C ILE B 11 -5.45 -32.65 -6.08
N GLU B 12 -5.79 -33.41 -7.12
CA GLU B 12 -5.26 -33.16 -8.45
C GLU B 12 -5.63 -31.74 -8.86
N THR B 13 -6.89 -31.39 -8.62
CA THR B 13 -7.40 -30.07 -8.93
C THR B 13 -6.68 -28.95 -8.19
N ILE B 14 -6.37 -29.17 -6.92
CA ILE B 14 -5.68 -28.13 -6.15
C ILE B 14 -4.24 -28.01 -6.64
N ILE B 15 -3.63 -29.12 -7.02
CA ILE B 15 -2.26 -29.04 -7.51
C ILE B 15 -2.21 -28.38 -8.91
N ASN B 16 -3.15 -28.75 -9.79
CA ASN B 16 -3.19 -28.17 -11.14
C ASN B 16 -3.48 -26.67 -11.12
N THR B 17 -4.41 -26.24 -10.27
CA THR B 17 -4.74 -24.83 -10.20
C THR B 17 -3.53 -24.01 -9.71
N PHE B 18 -2.89 -24.48 -8.64
CA PHE B 18 -1.72 -23.79 -8.14
C PHE B 18 -0.72 -23.62 -9.28
N HIS B 19 -0.34 -24.72 -9.94
CA HIS B 19 0.64 -24.68 -11.02
C HIS B 19 0.21 -23.88 -12.25
N GLN B 20 -1.10 -23.75 -12.45
CA GLN B 20 -1.64 -22.96 -13.57
C GLN B 20 -1.17 -21.52 -13.35
N TYR B 21 -1.21 -21.05 -12.11
CA TYR B 21 -0.79 -19.69 -11.84
C TYR B 21 0.69 -19.49 -11.52
N SER B 22 1.31 -20.50 -10.90
CA SER B 22 2.72 -20.36 -10.51
C SER B 22 3.71 -20.38 -11.66
N VAL B 23 3.29 -20.85 -12.83
CA VAL B 23 4.20 -20.92 -13.96
C VAL B 23 4.23 -19.62 -14.76
N LYS B 24 3.28 -18.73 -14.49
CA LYS B 24 3.16 -17.47 -15.23
C LYS B 24 4.29 -16.44 -15.11
N LEU B 25 4.91 -16.31 -13.94
CA LEU B 25 5.99 -15.35 -13.74
C LEU B 25 7.12 -15.93 -12.89
N GLY B 26 8.32 -15.41 -13.06
CA GLY B 26 9.46 -15.86 -12.29
C GLY B 26 9.55 -17.37 -12.12
N HIS B 27 9.86 -17.80 -10.92
CA HIS B 27 9.98 -19.22 -10.62
C HIS B 27 8.67 -19.95 -10.90
N PRO B 28 8.74 -21.05 -11.66
CA PRO B 28 7.59 -21.87 -12.04
C PRO B 28 6.93 -22.61 -10.88
N ASP B 29 7.69 -22.92 -9.84
CA ASP B 29 7.17 -23.68 -8.70
C ASP B 29 6.50 -22.89 -7.58
N THR B 30 6.59 -21.57 -7.62
CA THR B 30 6.00 -20.75 -6.57
C THR B 30 5.14 -19.63 -7.12
N LEU B 31 4.27 -19.11 -6.27
CA LEU B 31 3.37 -18.01 -6.61
C LEU B 31 3.97 -16.71 -6.07
N ASN B 32 4.15 -15.68 -6.92
CA ASN B 32 4.62 -14.43 -6.36
C ASN B 32 3.36 -13.63 -6.09
N GLN B 33 3.50 -12.41 -5.59
CA GLN B 33 2.34 -11.60 -5.27
C GLN B 33 1.38 -11.45 -6.44
N GLY B 34 1.91 -11.19 -7.64
CA GLY B 34 1.05 -11.04 -8.80
C GLY B 34 0.27 -12.29 -9.18
N GLU B 35 0.93 -13.44 -9.15
CA GLU B 35 0.26 -14.71 -9.50
C GLU B 35 -0.79 -15.07 -8.45
N PHE B 36 -0.48 -14.83 -7.17
CA PHE B 36 -1.42 -15.13 -6.08
C PHE B 36 -2.67 -14.27 -6.21
N LYS B 37 -2.49 -12.98 -6.49
CA LYS B 37 -3.62 -12.08 -6.63
C LYS B 37 -4.57 -12.51 -7.75
N GLU B 38 -3.98 -12.97 -8.85
CA GLU B 38 -4.73 -13.42 -10.00
C GLU B 38 -5.50 -14.70 -9.64
N LEU B 39 -4.83 -15.63 -8.96
CA LEU B 39 -5.50 -16.87 -8.54
C LEU B 39 -6.70 -16.56 -7.65
N VAL B 40 -6.52 -15.66 -6.69
CA VAL B 40 -7.60 -15.29 -5.78
C VAL B 40 -8.71 -14.54 -6.52
N ARG B 41 -8.32 -13.62 -7.40
CA ARG B 41 -9.28 -12.84 -8.16
C ARG B 41 -10.19 -13.73 -9.01
N LYS B 42 -9.59 -14.69 -9.69
CA LYS B 42 -10.34 -15.57 -10.56
C LYS B 42 -10.94 -16.82 -9.92
N ASP B 43 -10.23 -17.47 -8.99
CA ASP B 43 -10.74 -18.71 -8.41
C ASP B 43 -11.20 -18.78 -6.95
N LEU B 44 -11.13 -17.66 -6.25
CA LEU B 44 -11.59 -17.62 -4.87
C LEU B 44 -12.54 -16.43 -4.76
N GLN B 45 -13.33 -16.22 -5.82
CA GLN B 45 -14.28 -15.11 -5.87
C GLN B 45 -15.37 -15.19 -4.82
N ASN B 46 -15.70 -16.40 -4.39
CA ASN B 46 -16.74 -16.54 -3.37
C ASN B 46 -16.13 -16.62 -1.98
N PHE B 47 -15.19 -17.54 -1.80
CA PHE B 47 -14.53 -17.70 -0.51
C PHE B 47 -13.87 -16.41 -0.02
N LEU B 48 -13.42 -15.57 -0.94
CA LEU B 48 -12.76 -14.31 -0.60
C LEU B 48 -13.37 -13.12 -1.33
N LYS B 49 -14.68 -13.16 -1.52
CA LYS B 49 -15.40 -12.08 -2.20
C LYS B 49 -15.13 -10.67 -1.66
N LYS B 50 -15.31 -10.44 -0.36
CA LYS B 50 -15.09 -9.11 0.19
C LYS B 50 -13.61 -8.71 0.17
N GLU B 51 -12.75 -9.66 0.50
CA GLU B 51 -11.31 -9.38 0.53
C GLU B 51 -10.80 -8.94 -0.85
N ASN B 52 -11.35 -9.56 -1.90
CA ASN B 52 -10.95 -9.22 -3.27
C ASN B 52 -11.20 -7.76 -3.63
N LYS B 53 -11.98 -7.06 -2.82
CA LYS B 53 -12.27 -5.65 -3.08
C LYS B 53 -11.11 -4.76 -2.65
N ASN B 54 -10.16 -5.34 -1.91
CA ASN B 54 -9.04 -4.55 -1.45
C ASN B 54 -7.75 -5.33 -1.68
N GLU B 55 -7.04 -4.98 -2.74
CA GLU B 55 -5.83 -5.71 -3.05
C GLU B 55 -4.80 -5.64 -1.92
N LYS B 56 -4.87 -4.63 -1.06
CA LYS B 56 -3.96 -4.56 0.07
C LYS B 56 -4.30 -5.72 1.03
N VAL B 57 -5.60 -6.06 1.14
CA VAL B 57 -5.96 -7.17 2.00
C VAL B 57 -5.39 -8.45 1.41
N ILE B 58 -5.51 -8.61 0.09
CA ILE B 58 -4.99 -9.78 -0.55
C ILE B 58 -3.46 -9.89 -0.34
N GLU B 59 -2.76 -8.76 -0.36
CA GLU B 59 -1.32 -8.79 -0.15
C GLU B 59 -1.00 -9.24 1.28
N HIS B 60 -1.82 -8.81 2.24
CA HIS B 60 -1.63 -9.20 3.65
C HIS B 60 -1.84 -10.71 3.77
N ILE B 61 -2.87 -11.22 3.09
CA ILE B 61 -3.14 -12.65 3.11
C ILE B 61 -1.90 -13.43 2.70
N MET B 62 -1.21 -12.94 1.68
CA MET B 62 -0.04 -13.63 1.20
C MET B 62 1.13 -13.55 2.17
N GLU B 63 1.36 -12.36 2.73
CA GLU B 63 2.44 -12.19 3.68
C GLU B 63 2.24 -13.20 4.78
N ASP B 64 1.00 -13.34 5.22
CA ASP B 64 0.59 -14.25 6.27
C ASP B 64 0.93 -15.70 5.91
N LEU B 65 0.70 -16.06 4.66
CA LEU B 65 0.97 -17.42 4.17
C LEU B 65 2.44 -17.68 3.90
N ASP B 66 3.17 -16.62 3.59
CA ASP B 66 4.60 -16.74 3.27
C ASP B 66 5.40 -16.96 4.55
N THR B 67 5.39 -18.19 5.05
CA THR B 67 6.07 -18.53 6.30
C THR B 67 7.55 -18.17 6.41
N ASN B 68 8.34 -18.44 5.36
CA ASN B 68 9.76 -18.12 5.41
C ASN B 68 10.06 -16.72 4.89
N ALA B 69 9.01 -15.96 4.65
CA ALA B 69 9.10 -14.58 4.18
C ALA B 69 10.07 -14.32 3.02
N ASP B 70 9.99 -15.11 1.95
CA ASP B 70 10.84 -14.87 0.80
C ASP B 70 10.06 -14.28 -0.37
N LYS B 71 8.83 -13.82 -0.07
CA LYS B 71 7.93 -13.21 -1.05
C LYS B 71 7.45 -14.14 -2.16
N GLN B 72 7.47 -15.44 -1.87
CA GLN B 72 7.03 -16.44 -2.82
C GLN B 72 6.24 -17.45 -2.01
N LEU B 73 5.18 -18.00 -2.58
CA LEU B 73 4.41 -19.03 -1.86
C LEU B 73 4.66 -20.38 -2.52
N SER B 74 5.19 -21.33 -1.74
CA SER B 74 5.43 -22.67 -2.24
C SER B 74 4.06 -23.31 -2.13
N PHE B 75 3.92 -24.50 -2.71
CA PHE B 75 2.64 -25.20 -2.67
C PHE B 75 2.26 -25.47 -1.22
N GLU B 76 3.24 -25.87 -0.41
CA GLU B 76 3.02 -26.15 1.00
C GLU B 76 2.50 -24.92 1.76
N GLU B 77 3.03 -23.74 1.44
CA GLU B 77 2.59 -22.52 2.09
C GLU B 77 1.20 -22.12 1.61
N PHE B 78 0.98 -22.23 0.30
CA PHE B 78 -0.31 -21.87 -0.29
C PHE B 78 -1.47 -22.69 0.26
N ILE B 79 -1.33 -24.02 0.32
CA ILE B 79 -2.45 -24.84 0.80
C ILE B 79 -2.94 -24.57 2.22
N MET B 80 -2.10 -23.92 3.02
CA MET B 80 -2.48 -23.59 4.40
C MET B 80 -3.67 -22.64 4.38
N LEU B 81 -3.89 -21.98 3.25
CA LEU B 81 -5.02 -21.06 3.09
C LEU B 81 -6.31 -21.81 3.36
N MET B 82 -6.35 -23.08 2.97
CA MET B 82 -7.54 -23.89 3.19
C MET B 82 -7.84 -23.96 4.69
N ALA B 83 -6.78 -23.97 5.50
CA ALA B 83 -6.94 -24.04 6.96
C ALA B 83 -7.45 -22.72 7.55
N ARG B 84 -7.18 -21.61 6.86
CA ARG B 84 -7.63 -20.31 7.36
C ARG B 84 -9.10 -19.99 7.06
N LEU B 85 -9.79 -20.92 6.41
CA LEU B 85 -11.19 -20.72 6.08
C LEU B 85 -12.09 -21.28 7.18
N LYS C 3 6.80 31.06 -1.80
CA LYS C 3 6.41 29.63 -2.05
C LYS C 3 7.27 28.72 -1.18
N MET C 4 8.49 29.17 -0.87
CA MET C 4 9.41 28.41 -0.04
C MET C 4 8.92 28.57 1.41
N SER C 5 8.75 27.46 2.12
CA SER C 5 8.28 27.56 3.50
C SER C 5 9.43 28.03 4.39
N GLN C 6 9.10 28.35 5.63
CA GLN C 6 10.11 28.78 6.58
C GLN C 6 11.02 27.59 6.86
N LEU C 7 10.44 26.38 6.91
CA LEU C 7 11.25 25.20 7.17
C LEU C 7 12.29 25.02 6.06
N GLU C 8 11.83 25.07 4.80
CA GLU C 8 12.73 24.91 3.66
C GLU C 8 13.81 26.00 3.66
N ARG C 9 13.40 27.25 3.87
CA ARG C 9 14.38 28.35 3.89
C ARG C 9 15.45 28.10 4.94
N ASN C 10 15.01 27.76 6.15
CA ASN C 10 15.94 27.51 7.24
C ASN C 10 16.84 26.30 7.00
N ILE C 11 16.29 25.26 6.38
CA ILE C 11 17.07 24.08 6.07
C ILE C 11 18.21 24.43 5.09
N GLU C 12 17.90 25.15 4.03
CA GLU C 12 18.95 25.47 3.07
C GLU C 12 20.03 26.39 3.64
N THR C 13 19.65 27.29 4.54
CA THR C 13 20.61 28.20 5.16
C THR C 13 21.58 27.41 6.03
N ILE C 14 21.07 26.41 6.73
CA ILE C 14 21.92 25.58 7.56
C ILE C 14 22.88 24.80 6.68
N ILE C 15 22.41 24.34 5.53
CA ILE C 15 23.24 23.59 4.61
C ILE C 15 24.32 24.52 4.05
N ASN C 16 23.93 25.75 3.70
CA ASN C 16 24.86 26.73 3.16
C ASN C 16 25.89 27.13 4.20
N THR C 17 25.44 27.36 5.43
CA THR C 17 26.35 27.72 6.50
C THR C 17 27.39 26.64 6.72
N PHE C 18 26.93 25.38 6.77
CA PHE C 18 27.84 24.25 6.95
C PHE C 18 28.94 24.24 5.89
N HIS C 19 28.57 24.48 4.63
CA HIS C 19 29.53 24.48 3.54
C HIS C 19 30.41 25.71 3.48
N GLN C 20 29.92 26.83 4.02
CA GLN C 20 30.71 28.05 4.05
C GLN C 20 31.93 27.81 4.94
N TYR C 21 31.73 26.99 5.97
CA TYR C 21 32.80 26.64 6.91
C TYR C 21 33.63 25.46 6.42
N SER C 22 32.95 24.42 5.93
CA SER C 22 33.61 23.20 5.49
C SER C 22 34.58 23.37 4.34
N VAL C 23 34.35 24.35 3.51
CA VAL C 23 35.20 24.58 2.34
C VAL C 23 36.53 25.30 2.67
N LYS C 24 36.57 25.98 3.80
CA LYS C 24 37.74 26.75 4.20
C LYS C 24 39.09 26.04 4.23
N LEU C 25 39.15 24.88 4.88
CA LEU C 25 40.39 24.11 5.02
C LEU C 25 40.23 22.64 4.60
N GLY C 26 41.32 22.04 4.12
CA GLY C 26 41.29 20.64 3.70
C GLY C 26 40.09 20.22 2.86
N HIS C 27 39.54 19.05 3.16
CA HIS C 27 38.38 18.54 2.42
C HIS C 27 37.28 19.60 2.44
N PRO C 28 36.75 19.97 1.27
CA PRO C 28 35.69 20.98 1.13
C PRO C 28 34.30 20.60 1.65
N ASP C 29 34.08 19.32 1.90
CA ASP C 29 32.76 18.88 2.37
C ASP C 29 32.70 18.46 3.83
N THR C 30 33.82 18.51 4.53
CA THR C 30 33.83 18.15 5.95
C THR C 30 34.39 19.27 6.81
N LEU C 31 34.15 19.19 8.11
CA LEU C 31 34.64 20.19 9.04
C LEU C 31 35.77 19.58 9.86
N ASN C 32 36.97 20.17 9.80
CA ASN C 32 38.04 19.65 10.64
C ASN C 32 37.90 20.31 11.99
N GLN C 33 38.78 19.97 12.92
CA GLN C 33 38.73 20.56 14.25
C GLN C 33 38.66 22.10 14.18
N GLY C 34 39.53 22.68 13.35
CA GLY C 34 39.57 24.12 13.21
C GLY C 34 38.28 24.77 12.73
N GLU C 35 37.74 24.26 11.64
CA GLU C 35 36.51 24.78 11.08
C GLU C 35 35.39 24.60 12.13
N PHE C 36 35.37 23.42 12.74
CA PHE C 36 34.35 23.15 13.75
C PHE C 36 34.40 24.11 14.92
N LYS C 37 35.58 24.32 15.50
CA LYS C 37 35.71 25.24 16.62
C LYS C 37 35.27 26.65 16.26
N GLU C 38 35.68 27.12 15.08
CA GLU C 38 35.30 28.47 14.67
C GLU C 38 33.79 28.60 14.49
N LEU C 39 33.16 27.58 13.92
CA LEU C 39 31.71 27.64 13.73
C LEU C 39 31.04 27.69 15.10
N VAL C 40 31.47 26.82 15.99
CA VAL C 40 30.91 26.79 17.34
C VAL C 40 31.20 28.10 18.04
N ARG C 41 32.47 28.51 18.00
CA ARG C 41 32.91 29.72 18.66
C ARG C 41 32.19 30.95 18.15
N LYS C 42 31.84 30.94 16.86
CA LYS C 42 31.19 32.11 16.27
C LYS C 42 29.67 32.07 16.13
N ASP C 43 29.12 30.93 15.71
CA ASP C 43 27.67 30.85 15.49
C ASP C 43 26.83 30.14 16.54
N LEU C 44 27.49 29.47 17.49
CA LEU C 44 26.78 28.79 18.56
C LEU C 44 27.22 29.43 19.87
N GLN C 45 27.15 30.75 19.90
CA GLN C 45 27.55 31.52 21.08
C GLN C 45 26.54 31.45 22.20
N ASN C 46 25.29 31.16 21.85
CA ASN C 46 24.23 31.07 22.85
C ASN C 46 23.86 29.62 23.18
N PHE C 47 23.57 28.82 22.16
CA PHE C 47 23.23 27.43 22.40
C PHE C 47 24.41 26.66 22.97
N LEU C 48 25.59 27.28 22.94
CA LEU C 48 26.80 26.65 23.46
C LEU C 48 27.70 27.65 24.18
N LYS C 49 27.09 28.67 24.78
CA LYS C 49 27.83 29.70 25.50
C LYS C 49 28.74 29.06 26.56
N LYS C 50 28.15 28.24 27.41
CA LYS C 50 28.90 27.57 28.48
C LYS C 50 30.10 26.83 27.91
N GLU C 51 29.86 25.71 27.25
CA GLU C 51 30.93 24.90 26.66
C GLU C 51 31.93 25.71 25.84
N ASN C 52 31.48 26.83 25.28
CA ASN C 52 32.36 27.68 24.48
C ASN C 52 33.49 28.25 25.34
N LYS C 53 33.15 28.67 26.56
CA LYS C 53 34.12 29.24 27.48
C LYS C 53 35.28 28.32 27.81
N ASN C 54 35.20 27.07 27.36
CA ASN C 54 36.25 26.09 27.60
C ASN C 54 36.52 25.26 26.35
N GLU C 55 37.56 25.63 25.61
CA GLU C 55 37.91 24.94 24.38
C GLU C 55 38.04 23.43 24.59
N LYS C 56 38.16 23.01 25.84
CA LYS C 56 38.30 21.59 26.12
C LYS C 56 37.02 20.82 25.81
N VAL C 57 35.89 21.35 26.28
CA VAL C 57 34.60 20.72 26.02
C VAL C 57 34.34 20.62 24.52
N ILE C 58 34.48 21.77 23.84
CA ILE C 58 34.26 21.85 22.40
C ILE C 58 34.83 20.66 21.64
N GLU C 59 36.12 20.43 21.75
CA GLU C 59 36.75 19.33 21.04
C GLU C 59 36.24 17.96 21.49
N HIS C 60 35.50 17.95 22.58
CA HIS C 60 34.91 16.72 23.10
C HIS C 60 33.59 16.53 22.37
N ILE C 61 32.91 17.64 22.10
CA ILE C 61 31.65 17.62 21.38
C ILE C 61 31.88 17.08 19.98
N MET C 62 33.05 17.37 19.40
CA MET C 62 33.34 16.87 18.07
C MET C 62 33.75 15.41 18.12
N GLU C 63 34.30 14.99 19.26
CA GLU C 63 34.75 13.61 19.44
C GLU C 63 33.64 12.62 19.13
N ASP C 64 32.52 12.77 19.85
CA ASP C 64 31.37 11.88 19.68
C ASP C 64 30.69 12.08 18.33
N LEU C 65 30.60 13.31 17.88
CA LEU C 65 29.95 13.62 16.60
C LEU C 65 30.60 12.88 15.44
N ASP C 66 31.92 12.72 15.50
CA ASP C 66 32.61 12.01 14.42
C ASP C 66 32.57 10.51 14.68
N THR C 67 31.39 9.93 14.49
CA THR C 67 31.16 8.52 14.72
C THR C 67 32.09 7.55 13.97
N ASN C 68 32.70 8.00 12.89
CA ASN C 68 33.60 7.13 12.14
C ASN C 68 35.06 7.46 12.48
N ALA C 69 35.26 8.19 13.58
CA ALA C 69 36.58 8.59 14.02
C ALA C 69 37.58 8.80 12.89
N ASP C 70 37.26 9.73 11.98
CA ASP C 70 38.15 10.02 10.87
C ASP C 70 38.65 11.46 10.94
N LYS C 71 38.52 12.05 12.13
CA LYS C 71 38.97 13.42 12.37
C LYS C 71 38.19 14.47 11.58
N GLN C 72 37.07 14.08 10.96
CA GLN C 72 36.25 14.99 10.16
C GLN C 72 34.77 14.83 10.45
N LEU C 73 34.03 15.93 10.32
CA LEU C 73 32.58 15.90 10.52
C LEU C 73 31.89 16.18 9.19
N SER C 74 31.22 15.18 8.64
CA SER C 74 30.46 15.34 7.40
C SER C 74 29.19 16.07 7.81
N PHE C 75 28.35 16.40 6.84
CA PHE C 75 27.09 17.09 7.16
C PHE C 75 26.20 16.24 8.09
N GLU C 76 25.96 14.98 7.73
CA GLU C 76 25.08 14.15 8.57
C GLU C 76 25.61 13.97 9.98
N GLU C 77 26.93 13.91 10.12
CA GLU C 77 27.52 13.78 11.44
C GLU C 77 27.29 15.07 12.21
N PHE C 78 27.48 16.21 11.54
CA PHE C 78 27.32 17.50 12.18
C PHE C 78 25.93 17.88 12.64
N ILE C 79 24.92 17.62 11.80
CA ILE C 79 23.56 18.01 12.19
C ILE C 79 23.07 17.33 13.45
N MET C 80 23.66 16.17 13.78
CA MET C 80 23.28 15.48 15.00
C MET C 80 23.46 16.43 16.18
N LEU C 81 24.27 17.45 16.00
CA LEU C 81 24.53 18.43 17.05
C LEU C 81 23.26 19.15 17.47
N MET C 82 22.33 19.31 16.54
CA MET C 82 21.07 19.99 16.81
C MET C 82 20.24 19.19 17.80
N ALA C 83 20.33 17.87 17.71
CA ALA C 83 19.57 16.99 18.59
C ALA C 83 20.20 16.96 19.97
N ARG C 84 21.52 16.91 20.03
CA ARG C 84 22.24 16.89 21.30
C ARG C 84 21.90 18.13 22.12
N LEU C 85 21.24 19.11 21.50
CA LEU C 85 20.86 20.32 22.21
C LEU C 85 19.36 20.32 22.48
N MET D 4 21.19 35.36 19.64
CA MET D 4 21.01 34.22 18.68
C MET D 4 21.57 34.54 17.29
N SER D 5 22.44 33.65 16.80
CA SER D 5 23.01 33.80 15.47
C SER D 5 21.98 33.34 14.43
N GLN D 6 22.32 33.48 13.16
CA GLN D 6 21.44 33.05 12.08
C GLN D 6 21.30 31.54 12.16
N LEU D 7 22.41 30.87 12.44
CA LEU D 7 22.41 29.43 12.56
C LEU D 7 21.52 28.99 13.71
N GLU D 8 21.63 29.67 14.86
CA GLU D 8 20.81 29.33 16.02
C GLU D 8 19.34 29.51 15.72
N ARG D 9 18.99 30.58 15.00
CA ARG D 9 17.61 30.81 14.60
C ARG D 9 17.14 29.67 13.68
N ASN D 10 18.01 29.25 12.76
CA ASN D 10 17.70 28.17 11.82
C ASN D 10 17.36 26.90 12.60
N ILE D 11 18.25 26.52 13.50
CA ILE D 11 18.09 25.34 14.34
C ILE D 11 16.78 25.45 15.12
N GLU D 12 16.58 26.61 15.72
CA GLU D 12 15.38 26.90 16.51
C GLU D 12 14.12 26.63 15.69
N THR D 13 14.13 27.08 14.44
CA THR D 13 13.02 26.90 13.54
C THR D 13 12.77 25.42 13.17
N ILE D 14 13.84 24.64 13.00
CA ILE D 14 13.69 23.22 12.67
C ILE D 14 13.09 22.49 13.89
N ILE D 15 13.57 22.83 15.09
CA ILE D 15 13.09 22.21 16.31
C ILE D 15 11.61 22.53 16.52
N ASN D 16 11.27 23.81 16.37
CA ASN D 16 9.91 24.26 16.55
C ASN D 16 8.94 23.66 15.56
N THR D 17 9.40 23.49 14.33
CA THR D 17 8.55 22.92 13.29
C THR D 17 8.27 21.46 13.60
N PHE D 18 9.31 20.76 14.05
CA PHE D 18 9.16 19.36 14.39
C PHE D 18 8.11 19.19 15.49
N HIS D 19 8.23 19.98 16.55
CA HIS D 19 7.32 19.89 17.68
C HIS D 19 5.92 20.40 17.40
N GLN D 20 5.79 21.23 16.36
CA GLN D 20 4.49 21.74 15.97
C GLN D 20 3.65 20.54 15.55
N TYR D 21 4.28 19.59 14.85
CA TYR D 21 3.56 18.42 14.39
C TYR D 21 3.65 17.18 15.26
N SER D 22 4.76 17.00 15.97
CA SER D 22 4.93 15.81 16.80
C SER D 22 3.96 15.73 17.98
N VAL D 23 3.40 16.87 18.35
CA VAL D 23 2.47 16.93 19.47
C VAL D 23 1.02 16.61 19.07
N LYS D 24 0.71 16.68 17.77
CA LYS D 24 -0.65 16.47 17.32
C LYS D 24 -1.31 15.12 17.60
N LEU D 25 -0.54 14.04 17.59
CA LEU D 25 -1.07 12.70 17.86
C LEU D 25 -0.07 11.90 18.70
N GLY D 26 -0.56 10.91 19.44
CA GLY D 26 0.31 10.07 20.26
C GLY D 26 1.40 10.77 21.08
N HIS D 27 2.58 10.16 21.14
CA HIS D 27 3.70 10.72 21.90
C HIS D 27 4.11 12.08 21.37
N PRO D 28 4.09 13.10 22.24
CA PRO D 28 4.45 14.49 21.89
C PRO D 28 5.87 14.70 21.39
N ASP D 29 6.78 13.80 21.74
CA ASP D 29 8.17 13.95 21.35
C ASP D 29 8.56 13.32 20.04
N THR D 30 7.65 12.57 19.43
CA THR D 30 7.97 11.93 18.15
C THR D 30 6.91 12.16 17.09
N LEU D 31 7.31 11.92 15.85
CA LEU D 31 6.43 12.08 14.69
C LEU D 31 5.95 10.71 14.26
N ASN D 32 4.64 10.45 14.25
CA ASN D 32 4.22 9.15 13.73
C ASN D 32 3.97 9.39 12.23
N GLN D 33 3.57 8.37 11.48
CA GLN D 33 3.34 8.53 10.05
C GLN D 33 2.37 9.65 9.67
N GLY D 34 1.28 9.76 10.43
CA GLY D 34 0.30 10.80 10.16
C GLY D 34 0.86 12.20 10.34
N GLU D 35 1.57 12.43 11.43
CA GLU D 35 2.16 13.75 11.70
C GLU D 35 3.24 14.09 10.66
N PHE D 36 4.01 13.09 10.25
CA PHE D 36 5.08 13.32 9.28
C PHE D 36 4.48 13.71 7.93
N LYS D 37 3.43 13.00 7.51
CA LYS D 37 2.78 13.31 6.24
C LYS D 37 2.27 14.75 6.22
N GLU D 38 1.72 15.18 7.35
CA GLU D 38 1.20 16.53 7.44
C GLU D 38 2.35 17.54 7.35
N LEU D 39 3.45 17.26 8.05
CA LEU D 39 4.58 18.16 8.02
C LEU D 39 5.09 18.30 6.57
N VAL D 40 5.30 17.16 5.91
CA VAL D 40 5.78 17.18 4.53
C VAL D 40 4.79 17.89 3.60
N ARG D 41 3.50 17.61 3.79
CA ARG D 41 2.45 18.21 2.98
C ARG D 41 2.38 19.73 3.09
N LYS D 42 2.53 20.24 4.29
CA LYS D 42 2.45 21.68 4.51
C LYS D 42 3.77 22.43 4.42
N ASP D 43 4.85 21.81 4.86
CA ASP D 43 6.13 22.51 4.88
C ASP D 43 7.29 22.07 3.98
N LEU D 44 7.11 20.98 3.24
CA LEU D 44 8.14 20.52 2.31
C LEU D 44 7.50 20.42 0.91
N GLN D 45 6.60 21.36 0.62
CA GLN D 45 5.88 21.40 -0.66
C GLN D 45 6.80 21.56 -1.87
N ASN D 46 7.94 22.21 -1.66
CA ASN D 46 8.91 22.42 -2.74
C ASN D 46 10.01 21.36 -2.76
N PHE D 47 10.64 21.11 -1.62
CA PHE D 47 11.71 20.12 -1.56
C PHE D 47 11.22 18.72 -1.92
N LEU D 48 9.94 18.45 -1.66
CA LEU D 48 9.37 17.13 -1.95
C LEU D 48 8.07 17.28 -2.71
N LYS D 49 8.05 18.23 -3.64
CA LYS D 49 6.87 18.51 -4.47
C LYS D 49 6.35 17.28 -5.18
N LYS D 50 7.24 16.61 -5.90
CA LYS D 50 6.90 15.41 -6.65
C LYS D 50 6.51 14.26 -5.72
N GLU D 51 7.33 14.03 -4.70
CA GLU D 51 7.09 12.96 -3.75
C GLU D 51 5.76 13.12 -3.05
N ASN D 52 5.35 14.35 -2.79
CA ASN D 52 4.08 14.62 -2.15
C ASN D 52 2.88 14.16 -3.00
N LYS D 53 3.09 13.90 -4.29
CA LYS D 53 1.98 13.47 -5.15
C LYS D 53 1.71 11.99 -5.00
N ASN D 54 2.56 11.28 -4.27
CA ASN D 54 2.36 9.85 -4.05
C ASN D 54 2.56 9.52 -2.58
N GLU D 55 1.45 9.37 -1.88
CA GLU D 55 1.47 9.07 -0.46
C GLU D 55 2.39 7.90 -0.10
N LYS D 56 2.44 6.91 -0.98
CA LYS D 56 3.27 5.74 -0.74
C LYS D 56 4.77 6.08 -0.70
N VAL D 57 5.16 7.12 -1.45
CA VAL D 57 6.57 7.52 -1.46
C VAL D 57 6.90 8.19 -0.12
N ILE D 58 5.98 9.01 0.36
CA ILE D 58 6.14 9.68 1.65
C ILE D 58 6.24 8.62 2.75
N GLU D 59 5.43 7.57 2.67
CA GLU D 59 5.48 6.52 3.67
C GLU D 59 6.83 5.82 3.60
N HIS D 60 7.40 5.72 2.40
CA HIS D 60 8.72 5.08 2.22
C HIS D 60 9.79 5.95 2.88
N ILE D 61 9.68 7.26 2.68
CA ILE D 61 10.62 8.20 3.28
C ILE D 61 10.56 8.03 4.81
N MET D 62 9.34 7.91 5.33
CA MET D 62 9.10 7.73 6.77
C MET D 62 9.85 6.49 7.25
N GLU D 63 9.59 5.36 6.61
CA GLU D 63 10.24 4.09 6.96
C GLU D 63 11.77 4.20 6.89
N ASP D 64 12.26 4.86 5.84
CA ASP D 64 13.70 5.02 5.66
C ASP D 64 14.31 5.85 6.79
N LEU D 65 13.59 6.87 7.26
CA LEU D 65 14.14 7.70 8.33
C LEU D 65 13.99 7.04 9.70
N ASP D 66 13.04 6.12 9.82
CA ASP D 66 12.80 5.42 11.08
C ASP D 66 13.84 4.33 11.24
N THR D 67 15.05 4.73 11.64
CA THR D 67 16.16 3.79 11.77
C THR D 67 16.04 2.73 12.87
N ASN D 68 15.24 2.98 13.90
CA ASN D 68 15.07 2.00 14.96
C ASN D 68 13.79 1.22 14.73
N ALA D 69 13.16 1.50 13.59
CA ALA D 69 11.94 0.84 13.17
C ALA D 69 10.83 0.74 14.22
N ASP D 70 10.60 1.81 14.98
CA ASP D 70 9.54 1.75 15.98
C ASP D 70 8.33 2.55 15.50
N LYS D 71 8.30 2.82 14.20
CA LYS D 71 7.19 3.57 13.57
C LYS D 71 6.99 4.98 14.09
N GLN D 72 8.06 5.58 14.61
CA GLN D 72 7.99 6.94 15.12
C GLN D 72 9.29 7.61 14.72
N LEU D 73 9.25 8.91 14.44
CA LEU D 73 10.50 9.60 14.13
C LEU D 73 10.87 10.50 15.30
N SER D 74 12.04 10.26 15.88
CA SER D 74 12.50 11.12 16.95
C SER D 74 13.06 12.35 16.19
N PHE D 75 13.36 13.43 16.93
CA PHE D 75 13.90 14.62 16.30
C PHE D 75 15.19 14.24 15.58
N GLU D 76 15.99 13.42 16.24
CA GLU D 76 17.27 12.97 15.71
C GLU D 76 17.15 12.21 14.40
N GLU D 77 16.11 11.40 14.27
CA GLU D 77 15.90 10.64 13.04
C GLU D 77 15.37 11.55 11.95
N PHE D 78 14.50 12.46 12.35
CA PHE D 78 13.88 13.39 11.40
C PHE D 78 14.87 14.30 10.69
N ILE D 79 15.76 14.95 11.45
CA ILE D 79 16.72 15.87 10.86
C ILE D 79 17.61 15.24 9.82
N MET D 80 17.77 13.92 9.87
CA MET D 80 18.57 13.24 8.88
C MET D 80 17.99 13.44 7.47
N LEU D 81 16.73 13.86 7.39
CA LEU D 81 16.12 14.12 6.08
C LEU D 81 16.93 15.22 5.38
N MET D 82 17.49 16.15 6.16
CA MET D 82 18.28 17.24 5.59
C MET D 82 19.46 16.73 4.78
N ALA D 83 20.03 15.60 5.18
CA ALA D 83 21.17 14.98 4.52
C ALA D 83 20.76 14.20 3.28
N ARG D 84 19.45 13.96 3.10
CA ARG D 84 18.96 13.20 1.95
C ARG D 84 18.73 14.15 0.76
N LEU D 85 18.72 15.45 1.06
CA LEU D 85 18.51 16.47 0.04
C LEU D 85 19.75 16.71 -0.81
N LYS E 3 11.21 -6.04 -44.94
CA LYS E 3 12.19 -5.75 -43.86
C LYS E 3 12.49 -4.25 -43.76
N MET E 4 12.72 -3.77 -42.54
CA MET E 4 13.03 -2.36 -42.34
C MET E 4 14.24 -2.11 -41.45
N SER E 5 14.59 -0.84 -41.33
CA SER E 5 15.74 -0.39 -40.54
C SER E 5 15.79 -0.88 -39.11
N GLN E 6 16.95 -0.62 -38.48
CA GLN E 6 17.21 -0.99 -37.10
C GLN E 6 16.22 -0.26 -36.20
N LEU E 7 15.89 0.97 -36.58
CA LEU E 7 14.94 1.77 -35.82
C LEU E 7 13.58 1.08 -35.83
N GLU E 8 13.29 0.37 -36.92
CA GLU E 8 12.04 -0.37 -37.04
C GLU E 8 12.08 -1.48 -36.02
N ARG E 9 13.09 -2.35 -36.16
CA ARG E 9 13.28 -3.47 -35.26
C ARG E 9 13.18 -2.98 -33.83
N ASN E 10 13.97 -1.98 -33.48
CA ASN E 10 13.95 -1.40 -32.14
C ASN E 10 12.51 -1.31 -31.64
N ILE E 11 11.67 -0.61 -32.40
CA ILE E 11 10.27 -0.42 -32.05
C ILE E 11 9.50 -1.74 -32.04
N GLU E 12 9.71 -2.56 -33.07
CA GLU E 12 9.08 -3.86 -33.18
C GLU E 12 9.42 -4.75 -31.98
N THR E 13 10.59 -4.51 -31.40
CA THR E 13 11.03 -5.28 -30.24
C THR E 13 10.27 -4.82 -29.00
N ILE E 14 10.34 -3.52 -28.71
CA ILE E 14 9.67 -2.94 -27.56
C ILE E 14 8.22 -3.40 -27.50
N ILE E 15 7.57 -3.42 -28.67
CA ILE E 15 6.18 -3.83 -28.77
C ILE E 15 5.97 -5.27 -28.29
N ASN E 16 6.64 -6.22 -28.93
CA ASN E 16 6.50 -7.62 -28.56
C ASN E 16 6.93 -7.93 -27.12
N THR E 17 7.85 -7.15 -26.57
CA THR E 17 8.31 -7.35 -25.21
C THR E 17 7.20 -6.98 -24.24
N PHE E 18 6.58 -5.83 -24.47
CA PHE E 18 5.48 -5.35 -23.65
C PHE E 18 4.32 -6.33 -23.66
N HIS E 19 4.04 -6.91 -24.83
CA HIS E 19 2.93 -7.86 -24.94
C HIS E 19 3.33 -9.23 -24.43
N GLN E 20 4.63 -9.46 -24.36
CA GLN E 20 5.13 -10.73 -23.85
C GLN E 20 4.68 -10.83 -22.38
N TYR E 21 4.64 -9.69 -21.69
CA TYR E 21 4.26 -9.67 -20.28
C TYR E 21 2.82 -9.27 -20.01
N SER E 22 2.30 -8.32 -20.77
CA SER E 22 0.94 -7.83 -20.57
C SER E 22 -0.14 -8.92 -20.71
N VAL E 23 0.14 -9.95 -21.49
CA VAL E 23 -0.82 -11.04 -21.72
C VAL E 23 -0.87 -12.07 -20.59
N LYS E 24 0.10 -12.06 -19.70
CA LYS E 24 0.15 -13.04 -18.63
C LYS E 24 -0.97 -12.99 -17.57
N LEU E 25 -1.40 -11.80 -17.16
CA LEU E 25 -2.43 -11.69 -16.14
C LEU E 25 -3.47 -10.61 -16.47
N GLY E 26 -4.68 -10.80 -15.96
CA GLY E 26 -5.76 -9.83 -16.19
C GLY E 26 -5.91 -9.42 -17.64
N HIS E 27 -6.04 -8.11 -17.86
CA HIS E 27 -6.19 -7.58 -19.22
C HIS E 27 -4.95 -7.88 -20.06
N PRO E 28 -5.15 -8.37 -21.29
CA PRO E 28 -4.09 -8.72 -22.24
C PRO E 28 -3.27 -7.55 -22.79
N ASP E 29 -3.89 -6.38 -22.87
CA ASP E 29 -3.23 -5.19 -23.41
C ASP E 29 -2.50 -4.30 -22.42
N THR E 30 -2.60 -4.62 -21.14
CA THR E 30 -1.92 -3.80 -20.15
C THR E 30 -1.02 -4.59 -19.23
N LEU E 31 -0.13 -3.86 -18.56
CA LEU E 31 0.81 -4.43 -17.61
C LEU E 31 0.29 -4.13 -16.23
N ASN E 32 -0.08 -5.13 -15.44
CA ASN E 32 -0.50 -4.78 -14.10
C ASN E 32 0.80 -4.75 -13.30
N GLN E 33 0.73 -4.51 -12.01
CA GLN E 33 1.97 -4.44 -11.23
C GLN E 33 2.89 -5.68 -11.31
N GLY E 34 2.33 -6.87 -11.15
CA GLY E 34 3.15 -8.07 -11.22
C GLY E 34 3.82 -8.24 -12.58
N GLU E 35 3.08 -7.99 -13.64
CA GLU E 35 3.66 -8.11 -14.98
C GLU E 35 4.78 -7.08 -15.17
N PHE E 36 4.54 -5.84 -14.75
CA PHE E 36 5.54 -4.79 -14.87
C PHE E 36 6.81 -5.13 -14.08
N LYS E 37 6.63 -5.62 -12.86
CA LYS E 37 7.78 -6.00 -12.05
C LYS E 37 8.63 -7.07 -12.73
N GLU E 38 7.97 -8.06 -13.34
CA GLU E 38 8.70 -9.12 -14.02
C GLU E 38 9.51 -8.58 -15.20
N LEU E 39 8.89 -7.70 -15.98
CA LEU E 39 9.55 -7.10 -17.14
C LEU E 39 10.83 -6.38 -16.68
N VAL E 40 10.68 -5.54 -15.66
CA VAL E 40 11.81 -4.80 -15.12
C VAL E 40 12.89 -5.72 -14.59
N ARG E 41 12.49 -6.71 -13.78
CA ARG E 41 13.44 -7.65 -13.20
C ARG E 41 14.19 -8.46 -14.26
N LYS E 42 13.52 -8.82 -15.35
CA LYS E 42 14.19 -9.61 -16.38
C LYS E 42 14.87 -8.82 -17.49
N ASP E 43 14.24 -7.75 -17.96
CA ASP E 43 14.77 -6.99 -19.08
C ASP E 43 15.28 -5.58 -18.82
N LEU E 44 15.40 -5.19 -17.56
CA LEU E 44 15.91 -3.86 -17.22
C LEU E 44 16.89 -3.95 -16.05
N GLN E 45 17.59 -5.08 -15.98
CA GLN E 45 18.56 -5.33 -14.91
C GLN E 45 19.73 -4.35 -14.89
N ASN E 46 19.97 -3.69 -16.00
CA ASN E 46 21.08 -2.74 -16.08
C ASN E 46 20.61 -1.31 -15.85
N PHE E 47 19.62 -0.89 -16.63
CA PHE E 47 19.06 0.45 -16.51
C PHE E 47 18.48 0.72 -15.12
N LEU E 48 17.91 -0.31 -14.49
CA LEU E 48 17.30 -0.18 -13.18
C LEU E 48 17.91 -1.19 -12.23
N LYS E 49 19.23 -1.30 -12.30
CA LYS E 49 19.98 -2.24 -11.48
C LYS E 49 19.75 -1.97 -9.99
N LYS E 50 19.97 -0.73 -9.58
CA LYS E 50 19.79 -0.34 -8.18
C LYS E 50 18.37 -0.63 -7.70
N GLU E 51 17.40 0.00 -8.39
CA GLU E 51 15.98 -0.15 -8.09
C GLU E 51 15.53 -1.58 -7.90
N ASN E 52 15.94 -2.46 -8.82
CA ASN E 52 15.54 -3.86 -8.76
C ASN E 52 15.84 -4.54 -7.43
N LYS E 53 16.75 -3.96 -6.63
CA LYS E 53 17.06 -4.54 -5.34
C LYS E 53 15.99 -4.12 -4.32
N ASN E 54 15.16 -3.16 -4.71
CA ASN E 54 14.11 -2.66 -3.84
C ASN E 54 12.73 -2.73 -4.50
N GLU E 55 11.95 -3.73 -4.12
CA GLU E 55 10.62 -3.93 -4.69
C GLU E 55 9.72 -2.70 -4.57
N LYS E 56 9.78 -2.02 -3.43
CA LYS E 56 8.96 -0.82 -3.24
C LYS E 56 9.28 0.26 -4.26
N VAL E 57 10.57 0.40 -4.58
CA VAL E 57 10.97 1.41 -5.56
C VAL E 57 10.35 1.12 -6.92
N ILE E 58 10.31 -0.15 -7.32
CA ILE E 58 9.72 -0.51 -8.61
C ILE E 58 8.23 -0.16 -8.60
N GLU E 59 7.58 -0.34 -7.45
CA GLU E 59 6.16 0.00 -7.35
C GLU E 59 5.97 1.51 -7.52
N HIS E 60 6.91 2.30 -7.01
CA HIS E 60 6.81 3.75 -7.15
C HIS E 60 6.90 4.09 -8.64
N ILE E 61 7.75 3.36 -9.36
CA ILE E 61 7.89 3.64 -10.79
C ILE E 61 6.57 3.33 -11.52
N MET E 62 5.95 2.22 -11.14
CA MET E 62 4.67 1.81 -11.72
C MET E 62 3.62 2.91 -11.52
N GLU E 63 3.49 3.38 -10.27
CA GLU E 63 2.52 4.42 -9.95
C GLU E 63 2.81 5.73 -10.70
N ASP E 64 4.09 6.08 -10.82
CA ASP E 64 4.46 7.31 -11.51
C ASP E 64 4.05 7.23 -12.98
N LEU E 65 4.28 6.08 -13.60
CA LEU E 65 3.96 5.88 -15.02
C LEU E 65 2.46 5.70 -15.28
N ASP E 66 1.73 5.25 -14.26
CA ASP E 66 0.29 5.04 -14.38
C ASP E 66 -0.41 6.40 -14.27
N THR E 67 -0.30 7.19 -15.34
CA THR E 67 -0.88 8.53 -15.38
C THR E 67 -2.38 8.60 -15.10
N ASN E 68 -3.16 7.71 -15.70
CA ASN E 68 -4.61 7.70 -15.47
C ASN E 68 -4.96 6.94 -14.19
N ALA E 69 -3.95 6.60 -13.41
CA ALA E 69 -4.11 5.89 -12.14
C ALA E 69 -5.16 4.79 -12.10
N ASP E 70 -5.10 3.85 -13.04
CA ASP E 70 -6.06 2.75 -13.07
C ASP E 70 -5.38 1.42 -12.77
N LYS E 71 -4.23 1.49 -12.12
CA LYS E 71 -3.46 0.31 -11.74
C LYS E 71 -2.98 -0.56 -12.88
N GLN E 72 -2.84 0.00 -14.07
CA GLN E 72 -2.39 -0.77 -15.22
C GLN E 72 -1.56 0.14 -16.11
N LEU E 73 -0.59 -0.43 -16.82
CA LEU E 73 0.21 0.39 -17.73
C LEU E 73 -0.13 -0.01 -19.15
N SER E 74 -0.65 0.96 -19.91
CA SER E 74 -0.96 0.72 -21.31
C SER E 74 0.38 0.88 -22.03
N PHE E 75 0.46 0.42 -23.26
CA PHE E 75 1.70 0.54 -24.03
C PHE E 75 2.12 2.01 -24.01
N GLU E 76 1.16 2.88 -24.27
CA GLU E 76 1.38 4.33 -24.28
C GLU E 76 2.07 4.83 -23.00
N GLU E 77 1.63 4.33 -21.85
CA GLU E 77 2.21 4.75 -20.58
C GLU E 77 3.58 4.11 -20.35
N PHE E 78 3.72 2.86 -20.75
CA PHE E 78 4.97 2.12 -20.56
C PHE E 78 6.19 2.83 -21.15
N ILE E 79 6.07 3.19 -22.42
CA ILE E 79 7.14 3.87 -23.15
C ILE E 79 7.77 5.05 -22.43
N MET E 80 6.93 5.93 -21.89
CA MET E 80 7.41 7.11 -21.18
C MET E 80 8.55 6.75 -20.23
N LEU E 81 8.57 5.50 -19.77
CA LEU E 81 9.61 5.06 -18.87
C LEU E 81 10.98 5.37 -19.49
N MET E 82 11.10 5.16 -20.79
CA MET E 82 12.35 5.43 -21.49
C MET E 82 12.85 6.82 -21.15
N ALA E 83 11.92 7.78 -21.13
CA ALA E 83 12.27 9.16 -20.80
C ALA E 83 13.07 9.18 -19.50
N ARG E 84 12.42 8.90 -18.38
CA ARG E 84 13.08 8.89 -17.08
C ARG E 84 14.37 8.07 -17.07
N LEU E 85 14.50 7.18 -18.06
CA LEU E 85 15.67 6.32 -18.18
C LEU E 85 16.83 7.09 -18.82
N CYS F 2 27.76 -3.21 -18.88
CA CYS F 2 28.19 -4.58 -18.46
C CYS F 2 27.62 -5.62 -19.44
N LYS F 3 26.31 -5.62 -19.57
CA LYS F 3 25.62 -6.54 -20.46
C LYS F 3 24.14 -6.16 -20.51
N MET F 4 23.73 -5.58 -21.63
CA MET F 4 22.34 -5.16 -21.77
C MET F 4 21.46 -6.25 -22.36
N SER F 5 20.18 -6.16 -22.02
CA SER F 5 19.18 -7.10 -22.51
C SER F 5 18.76 -6.63 -23.88
N GLN F 6 17.98 -7.46 -24.56
CA GLN F 6 17.49 -7.15 -25.88
C GLN F 6 16.65 -5.89 -25.83
N LEU F 7 15.90 -5.70 -24.74
CA LEU F 7 15.08 -4.51 -24.58
C LEU F 7 15.98 -3.30 -24.29
N GLU F 8 16.96 -3.46 -23.42
CA GLU F 8 17.84 -2.34 -23.09
C GLU F 8 18.66 -1.92 -24.29
N ARG F 9 19.11 -2.88 -25.10
CA ARG F 9 19.91 -2.56 -26.27
C ARG F 9 19.08 -1.81 -27.30
N ASN F 10 17.83 -2.23 -27.51
CA ASN F 10 16.96 -1.55 -28.48
C ASN F 10 16.61 -0.16 -27.96
N ILE F 11 16.35 -0.04 -26.65
CA ILE F 11 16.04 1.27 -26.08
C ILE F 11 17.26 2.17 -26.29
N GLU F 12 18.44 1.67 -25.94
CA GLU F 12 19.68 2.43 -26.11
C GLU F 12 19.84 2.90 -27.55
N THR F 13 19.44 2.06 -28.49
CA THR F 13 19.56 2.41 -29.91
C THR F 13 18.63 3.55 -30.26
N ILE F 14 17.37 3.44 -29.85
CA ILE F 14 16.39 4.49 -30.14
C ILE F 14 16.88 5.84 -29.59
N ILE F 15 17.27 5.85 -28.32
CA ILE F 15 17.76 7.08 -27.69
C ILE F 15 18.93 7.65 -28.50
N ASN F 16 19.80 6.77 -28.99
CA ASN F 16 20.95 7.20 -29.78
C ASN F 16 20.58 7.59 -31.19
N THR F 17 19.51 7.00 -31.72
CA THR F 17 19.05 7.30 -33.06
C THR F 17 18.22 8.59 -33.03
N PHE F 18 18.10 9.15 -31.83
CA PHE F 18 17.36 10.39 -31.64
C PHE F 18 18.33 11.56 -31.57
N HIS F 19 19.31 11.45 -30.67
CA HIS F 19 20.30 12.50 -30.51
C HIS F 19 21.24 12.59 -31.71
N GLN F 20 20.95 11.79 -32.73
CA GLN F 20 21.77 11.78 -33.93
C GLN F 20 21.22 12.81 -34.92
N TYR F 21 19.90 12.85 -35.05
CA TYR F 21 19.23 13.77 -35.96
C TYR F 21 18.90 15.11 -35.30
N SER F 22 19.00 15.16 -33.98
CA SER F 22 18.70 16.37 -33.22
C SER F 22 19.89 17.32 -33.08
N VAL F 23 21.10 16.77 -33.23
CA VAL F 23 22.30 17.58 -33.10
C VAL F 23 22.75 18.10 -34.46
N LYS F 24 21.81 18.17 -35.40
CA LYS F 24 22.12 18.64 -36.75
C LYS F 24 21.70 20.09 -36.98
N LEU F 25 20.60 20.50 -36.35
CA LEU F 25 20.09 21.86 -36.49
C LEU F 25 19.74 22.43 -35.12
N GLY F 26 19.85 23.75 -35.00
CA GLY F 26 19.52 24.42 -33.74
C GLY F 26 19.92 23.65 -32.50
N HIS F 27 19.07 23.73 -31.47
CA HIS F 27 19.30 23.05 -30.20
C HIS F 27 19.51 21.55 -30.40
N PRO F 28 20.64 21.01 -29.91
CA PRO F 28 21.00 19.59 -30.01
C PRO F 28 20.02 18.60 -29.40
N ASP F 29 19.55 18.89 -28.18
CA ASP F 29 18.62 17.99 -27.49
C ASP F 29 17.19 17.99 -28.03
N THR F 30 16.92 18.87 -28.99
CA THR F 30 15.58 18.96 -29.56
C THR F 30 15.56 18.52 -31.02
N LEU F 31 14.35 18.30 -31.55
CA LEU F 31 14.19 17.87 -32.93
C LEU F 31 13.17 18.78 -33.65
N ASN F 32 13.58 19.37 -34.76
CA ASN F 32 12.69 20.26 -35.52
C ASN F 32 11.83 19.52 -36.54
N GLN F 33 11.45 20.21 -37.61
CA GLN F 33 10.61 19.62 -38.65
C GLN F 33 11.43 18.85 -39.68
N GLY F 34 12.58 19.40 -40.06
CA GLY F 34 13.44 18.74 -41.02
C GLY F 34 14.14 17.53 -40.43
N GLU F 35 14.74 17.73 -39.26
CA GLU F 35 15.43 16.65 -38.57
C GLU F 35 14.45 15.50 -38.36
N PHE F 36 13.20 15.87 -38.08
CA PHE F 36 12.14 14.89 -37.85
C PHE F 36 11.78 14.14 -39.13
N LYS F 37 11.51 14.89 -40.20
CA LYS F 37 11.16 14.30 -41.49
C LYS F 37 12.33 13.44 -41.98
N GLU F 38 13.54 13.90 -41.67
CA GLU F 38 14.75 13.18 -42.05
C GLU F 38 14.79 11.79 -41.40
N LEU F 39 14.21 11.69 -40.20
CA LEU F 39 14.16 10.41 -39.48
C LEU F 39 13.02 9.59 -40.07
N VAL F 40 11.94 10.27 -40.43
CA VAL F 40 10.78 9.64 -41.03
C VAL F 40 11.19 9.01 -42.36
N ARG F 41 11.74 9.86 -43.23
CA ARG F 41 12.18 9.45 -44.55
C ARG F 41 13.25 8.36 -44.49
N LYS F 42 14.39 8.70 -43.88
CA LYS F 42 15.51 7.78 -43.75
C LYS F 42 15.12 6.37 -43.31
N ASP F 43 14.84 6.19 -42.04
CA ASP F 43 14.49 4.87 -41.50
C ASP F 43 13.05 4.44 -41.73
N LEU F 44 12.11 5.17 -41.10
CA LEU F 44 10.68 4.87 -41.21
C LEU F 44 10.11 4.96 -42.62
N GLN F 45 10.33 3.91 -43.41
CA GLN F 45 9.85 3.86 -44.78
C GLN F 45 8.76 2.79 -44.96
N ASN F 46 8.64 1.91 -43.98
CA ASN F 46 7.64 0.86 -44.01
C ASN F 46 6.55 1.21 -43.02
N PHE F 47 6.94 1.82 -41.91
CA PHE F 47 5.99 2.23 -40.87
C PHE F 47 5.30 3.53 -41.27
N LEU F 48 6.01 4.35 -42.04
CA LEU F 48 5.47 5.62 -42.52
C LEU F 48 5.60 5.70 -44.04
N LYS F 49 5.34 4.58 -44.71
CA LYS F 49 5.41 4.51 -46.16
C LYS F 49 4.40 5.39 -46.88
N LYS F 50 3.14 4.97 -46.88
CA LYS F 50 2.07 5.70 -47.54
C LYS F 50 1.66 6.94 -46.75
N GLU F 51 2.65 7.66 -46.23
CA GLU F 51 2.40 8.88 -45.46
C GLU F 51 3.67 9.71 -45.33
N ASN F 52 4.72 9.28 -46.03
CA ASN F 52 5.99 9.98 -46.05
C ASN F 52 6.13 10.59 -47.44
N LYS F 53 5.32 10.06 -48.37
CA LYS F 53 5.30 10.51 -49.75
C LYS F 53 4.90 11.98 -49.73
N ASN F 54 4.10 12.34 -48.73
CA ASN F 54 3.61 13.70 -48.56
C ASN F 54 4.25 14.30 -47.30
N GLU F 55 5.30 15.09 -47.48
CA GLU F 55 5.97 15.71 -46.35
C GLU F 55 4.96 16.50 -45.53
N LYS F 56 3.86 16.88 -46.16
CA LYS F 56 2.81 17.65 -45.52
C LYS F 56 2.01 16.78 -44.55
N VAL F 57 2.10 15.47 -44.74
CA VAL F 57 1.40 14.51 -43.88
C VAL F 57 2.20 14.26 -42.60
N ILE F 58 3.53 14.31 -42.72
CA ILE F 58 4.43 14.09 -41.59
C ILE F 58 4.53 15.34 -40.72
N GLU F 59 4.14 16.47 -41.28
CA GLU F 59 4.18 17.73 -40.54
C GLU F 59 3.12 17.73 -39.45
N HIS F 60 1.92 17.23 -39.76
CA HIS F 60 0.84 17.16 -38.80
C HIS F 60 1.15 16.13 -37.73
N ILE F 61 1.90 15.10 -38.12
CA ILE F 61 2.30 14.08 -37.18
C ILE F 61 3.32 14.77 -36.28
N MET F 62 4.11 15.63 -36.89
CA MET F 62 5.13 16.41 -36.18
C MET F 62 4.46 17.33 -35.17
N GLU F 63 3.50 18.12 -35.65
CA GLU F 63 2.75 19.04 -34.80
C GLU F 63 2.06 18.21 -33.72
N ASP F 64 1.39 17.16 -34.16
CA ASP F 64 0.67 16.25 -33.29
C ASP F 64 1.55 15.78 -32.13
N LEU F 65 2.77 15.38 -32.44
CA LEU F 65 3.70 14.91 -31.42
C LEU F 65 4.24 16.00 -30.49
N ASP F 66 4.10 17.26 -30.90
CA ASP F 66 4.58 18.36 -30.06
C ASP F 66 3.43 18.81 -29.16
N THR F 67 3.55 18.54 -27.86
CA THR F 67 2.54 18.89 -26.89
C THR F 67 2.63 20.32 -26.35
N ASN F 68 3.80 20.69 -25.84
CA ASN F 68 4.01 22.03 -25.29
C ASN F 68 3.86 23.13 -26.34
N ALA F 69 3.80 22.73 -27.60
CA ALA F 69 3.65 23.67 -28.71
C ALA F 69 4.80 24.68 -28.77
N ASP F 70 5.89 24.27 -29.42
CA ASP F 70 7.06 25.13 -29.57
C ASP F 70 7.73 24.73 -30.88
N LYS F 71 6.96 24.06 -31.73
CA LYS F 71 7.45 23.59 -33.03
C LYS F 71 8.80 22.92 -32.84
N GLN F 72 8.82 21.91 -31.99
CA GLN F 72 10.05 21.17 -31.70
C GLN F 72 9.69 19.87 -31.00
N LEU F 73 10.53 18.86 -31.15
CA LEU F 73 10.28 17.56 -30.53
C LEU F 73 11.38 17.07 -29.60
N SER F 74 11.03 16.94 -28.32
CA SER F 74 11.96 16.46 -27.32
C SER F 74 11.86 14.95 -27.39
N PHE F 75 12.77 14.24 -26.74
CA PHE F 75 12.75 12.79 -26.77
C PHE F 75 11.42 12.27 -26.22
N GLU F 76 11.05 12.79 -25.05
CA GLU F 76 9.80 12.40 -24.38
C GLU F 76 8.61 12.50 -25.33
N GLU F 77 8.66 13.48 -26.24
CA GLU F 77 7.59 13.68 -27.19
C GLU F 77 7.75 12.70 -28.36
N PHE F 78 8.98 12.44 -28.74
CA PHE F 78 9.29 11.55 -29.85
C PHE F 78 8.83 10.10 -29.69
N ILE F 79 9.40 9.41 -28.69
CA ILE F 79 9.08 8.02 -28.43
C ILE F 79 7.60 7.66 -28.55
N MET F 80 6.72 8.58 -28.20
CA MET F 80 5.28 8.33 -28.27
C MET F 80 4.84 7.91 -29.67
N LEU F 81 5.68 8.20 -30.66
CA LEU F 81 5.40 7.87 -32.05
C LEU F 81 5.06 6.39 -32.22
N MET F 82 5.75 5.55 -31.44
CA MET F 82 5.57 4.11 -31.47
C MET F 82 4.15 3.64 -31.17
N ALA F 83 3.38 4.48 -30.49
CA ALA F 83 2.00 4.14 -30.13
C ALA F 83 1.16 3.67 -31.31
N ARG F 84 1.22 4.42 -32.42
CA ARG F 84 0.45 4.09 -33.61
C ARG F 84 0.65 2.65 -34.05
N LEU F 85 1.87 2.32 -34.47
CA LEU F 85 2.21 0.99 -34.93
C LEU F 85 1.88 -0.04 -33.85
N CYS G 2 -29.17 18.97 29.94
CA CYS G 2 -30.50 19.47 29.46
C CYS G 2 -31.54 18.39 29.71
N LYS G 3 -32.50 18.28 28.80
CA LYS G 3 -33.54 17.26 28.91
C LYS G 3 -33.25 16.13 27.93
N MET G 4 -32.09 16.18 27.29
CA MET G 4 -31.70 15.16 26.31
C MET G 4 -31.85 13.74 26.84
N SER G 5 -32.42 12.87 26.03
CA SER G 5 -32.57 11.48 26.42
C SER G 5 -31.16 10.89 26.42
N GLN G 6 -31.03 9.64 26.86
CA GLN G 6 -29.72 9.03 26.86
C GLN G 6 -29.25 8.81 25.40
N LEU G 7 -30.17 8.53 24.49
CA LEU G 7 -29.78 8.34 23.08
C LEU G 7 -29.25 9.66 22.51
N GLU G 8 -29.96 10.75 22.76
CA GLU G 8 -29.54 12.06 22.27
C GLU G 8 -28.18 12.47 22.83
N ARG G 9 -27.95 12.20 24.12
CA ARG G 9 -26.68 12.55 24.76
C ARG G 9 -25.54 11.81 24.08
N ASN G 10 -25.75 10.52 23.85
CA ASN G 10 -24.73 9.69 23.25
C ASN G 10 -24.43 9.99 21.77
N ILE G 11 -25.46 10.42 21.04
CA ILE G 11 -25.32 10.82 19.64
C ILE G 11 -24.45 12.08 19.68
N GLU G 12 -24.82 13.02 20.53
CA GLU G 12 -24.10 14.28 20.67
C GLU G 12 -22.64 14.03 20.98
N THR G 13 -22.38 13.10 21.88
CA THR G 13 -21.02 12.79 22.26
C THR G 13 -20.23 12.12 21.14
N ILE G 14 -20.89 11.26 20.36
CA ILE G 14 -20.16 10.62 19.28
C ILE G 14 -19.75 11.69 18.25
N ILE G 15 -20.64 12.64 17.99
CA ILE G 15 -20.36 13.72 17.06
C ILE G 15 -19.18 14.56 17.53
N ASN G 16 -19.14 14.87 18.83
CA ASN G 16 -18.05 15.66 19.38
C ASN G 16 -16.72 14.92 19.36
N THR G 17 -16.78 13.61 19.58
CA THR G 17 -15.58 12.80 19.57
C THR G 17 -14.98 12.69 18.17
N PHE G 18 -15.85 12.56 17.16
CA PHE G 18 -15.39 12.47 15.78
C PHE G 18 -14.66 13.78 15.46
N HIS G 19 -15.27 14.90 15.80
CA HIS G 19 -14.67 16.19 15.52
C HIS G 19 -13.43 16.52 16.32
N GLN G 20 -13.28 15.97 17.53
CA GLN G 20 -12.07 16.29 18.27
C GLN G 20 -10.88 15.66 17.56
N TYR G 21 -11.12 14.57 16.82
CA TYR G 21 -10.04 13.94 16.10
C TYR G 21 -9.88 14.45 14.67
N SER G 22 -11.00 14.75 13.99
CA SER G 22 -10.96 15.20 12.59
C SER G 22 -10.33 16.58 12.34
N VAL G 23 -10.34 17.42 13.37
CA VAL G 23 -9.78 18.75 13.26
C VAL G 23 -8.26 18.78 13.40
N LYS G 24 -7.65 17.67 13.81
CA LYS G 24 -6.20 17.66 14.03
C LYS G 24 -5.28 17.79 12.83
N LEU G 25 -5.56 17.09 11.74
CA LEU G 25 -4.73 17.14 10.53
C LEU G 25 -5.59 17.38 9.27
N GLY G 26 -4.99 18.00 8.27
CA GLY G 26 -5.68 18.27 7.01
C GLY G 26 -7.08 18.85 7.11
N HIS G 27 -8.02 18.29 6.36
CA HIS G 27 -9.40 18.78 6.40
C HIS G 27 -9.99 18.57 7.79
N PRO G 28 -10.57 19.62 8.37
CA PRO G 28 -11.21 19.70 9.69
C PRO G 28 -12.45 18.84 9.91
N ASP G 29 -13.15 18.48 8.84
CA ASP G 29 -14.40 17.70 8.98
C ASP G 29 -14.29 16.22 8.67
N THR G 30 -13.12 15.76 8.28
CA THR G 30 -12.97 14.35 7.97
C THR G 30 -11.78 13.77 8.73
N LEU G 31 -11.71 12.44 8.79
CA LEU G 31 -10.61 11.77 9.47
C LEU G 31 -9.68 11.19 8.44
N ASN G 32 -8.41 11.61 8.42
CA ASN G 32 -7.52 10.95 7.48
C ASN G 32 -7.02 9.75 8.26
N GLN G 33 -6.22 8.91 7.63
CA GLN G 33 -5.72 7.71 8.27
C GLN G 33 -5.03 7.92 9.62
N GLY G 34 -4.19 8.95 9.73
CA GLY G 34 -3.51 9.20 10.99
C GLY G 34 -4.48 9.51 12.11
N GLU G 35 -5.47 10.34 11.84
CA GLU G 35 -6.46 10.72 12.86
C GLU G 35 -7.30 9.52 13.26
N PHE G 36 -7.71 8.71 12.28
CA PHE G 36 -8.53 7.53 12.53
C PHE G 36 -7.76 6.51 13.39
N LYS G 37 -6.49 6.30 13.09
CA LYS G 37 -5.68 5.35 13.86
C LYS G 37 -5.56 5.78 15.32
N GLU G 38 -5.42 7.08 15.55
CA GLU G 38 -5.30 7.61 16.90
C GLU G 38 -6.62 7.40 17.66
N LEU G 39 -7.74 7.69 17.00
CA LEU G 39 -9.04 7.50 17.64
C LEU G 39 -9.23 6.05 18.04
N VAL G 40 -8.88 5.13 17.14
CA VAL G 40 -9.00 3.71 17.37
C VAL G 40 -8.06 3.24 18.48
N ARG G 41 -6.84 3.75 18.48
CA ARG G 41 -5.85 3.37 19.48
C ARG G 41 -6.23 3.88 20.87
N LYS G 42 -6.71 5.12 20.93
CA LYS G 42 -7.08 5.69 22.22
C LYS G 42 -8.47 5.33 22.74
N ASP G 43 -9.46 5.25 21.85
CA ASP G 43 -10.83 5.03 22.29
C ASP G 43 -11.55 3.76 21.92
N LEU G 44 -10.89 2.88 21.19
CA LEU G 44 -11.51 1.62 20.81
C LEU G 44 -10.61 0.45 21.24
N GLN G 45 -9.94 0.61 22.37
CA GLN G 45 -9.04 -0.42 22.89
C GLN G 45 -9.72 -1.73 23.30
N ASN G 46 -11.03 -1.69 23.48
CA ASN G 46 -11.81 -2.87 23.86
C ASN G 46 -12.47 -3.42 22.58
N PHE G 47 -13.29 -2.62 21.92
CA PHE G 47 -13.97 -3.10 20.71
C PHE G 47 -12.98 -3.61 19.66
N LEU G 48 -11.80 -3.01 19.58
CA LEU G 48 -10.82 -3.43 18.59
C LEU G 48 -9.48 -3.74 19.23
N LYS G 49 -9.51 -4.45 20.35
CA LYS G 49 -8.28 -4.78 21.08
C LYS G 49 -7.23 -5.50 20.24
N LYS G 50 -7.65 -6.60 19.61
CA LYS G 50 -6.73 -7.38 18.81
C LYS G 50 -6.21 -6.61 17.59
N GLU G 51 -7.14 -6.00 16.86
CA GLU G 51 -6.82 -5.22 15.67
C GLU G 51 -5.79 -4.16 15.97
N ASN G 52 -5.92 -3.53 17.14
CA ASN G 52 -4.99 -2.48 17.50
C ASN G 52 -3.55 -2.97 17.59
N LYS G 53 -3.38 -4.29 17.68
CA LYS G 53 -2.04 -4.87 17.77
C LYS G 53 -1.36 -4.89 16.39
N ASN G 54 -2.15 -4.73 15.32
CA ASN G 54 -1.59 -4.74 13.97
C ASN G 54 -2.03 -3.48 13.21
N GLU G 55 -1.11 -2.55 13.04
CA GLU G 55 -1.44 -1.30 12.36
C GLU G 55 -2.06 -1.53 10.97
N LYS G 56 -1.56 -2.54 10.27
CA LYS G 56 -2.03 -2.87 8.94
C LYS G 56 -3.52 -3.24 8.96
N VAL G 57 -3.96 -3.92 10.01
CA VAL G 57 -5.38 -4.28 10.09
C VAL G 57 -6.22 -3.01 10.22
N ILE G 58 -5.74 -2.05 11.00
CA ILE G 58 -6.46 -0.80 11.16
C ILE G 58 -6.55 -0.05 9.84
N GLU G 59 -5.49 -0.16 9.04
CA GLU G 59 -5.50 0.49 7.72
C GLU G 59 -6.56 -0.14 6.84
N HIS G 60 -6.74 -1.45 6.95
CA HIS G 60 -7.77 -2.15 6.19
C HIS G 60 -9.15 -1.64 6.58
N ILE G 61 -9.34 -1.39 7.87
CA ILE G 61 -10.63 -0.89 8.38
C ILE G 61 -10.93 0.49 7.79
N MET G 62 -9.89 1.32 7.76
CA MET G 62 -10.00 2.67 7.22
C MET G 62 -10.46 2.59 5.75
N GLU G 63 -9.81 1.72 4.96
CA GLU G 63 -10.16 1.58 3.55
C GLU G 63 -11.55 1.01 3.39
N ASP G 64 -11.92 0.09 4.29
CA ASP G 64 -13.24 -0.51 4.22
C ASP G 64 -14.30 0.56 4.46
N LEU G 65 -14.04 1.47 5.41
CA LEU G 65 -14.99 2.52 5.71
C LEU G 65 -15.02 3.68 4.72
N ASP G 66 -13.90 3.90 4.02
CA ASP G 66 -13.79 5.00 3.06
C ASP G 66 -14.47 4.60 1.75
N THR G 67 -15.79 4.59 1.78
CA THR G 67 -16.56 4.13 0.64
C THR G 67 -16.38 4.91 -0.69
N ASN G 68 -16.01 6.19 -0.63
CA ASN G 68 -15.78 6.94 -1.88
C ASN G 68 -14.30 7.03 -2.22
N ALA G 69 -13.50 6.25 -1.50
CA ALA G 69 -12.05 6.14 -1.67
C ALA G 69 -11.23 7.42 -1.82
N ASP G 70 -11.55 8.46 -1.06
CA ASP G 70 -10.78 9.70 -1.16
C ASP G 70 -9.82 9.82 0.04
N LYS G 71 -9.53 8.69 0.69
CA LYS G 71 -8.62 8.66 1.85
C LYS G 71 -8.99 9.55 3.03
N GLN G 72 -10.27 9.86 3.18
CA GLN G 72 -10.74 10.66 4.32
C GLN G 72 -11.99 9.95 4.77
N LEU G 73 -12.34 10.04 6.05
CA LEU G 73 -13.59 9.44 6.49
C LEU G 73 -14.48 10.57 6.90
N SER G 74 -15.63 10.68 6.26
CA SER G 74 -16.57 11.69 6.66
C SER G 74 -17.25 11.11 7.90
N PHE G 75 -18.04 11.91 8.58
CA PHE G 75 -18.77 11.45 9.75
C PHE G 75 -19.70 10.29 9.33
N GLU G 76 -20.37 10.45 8.20
CA GLU G 76 -21.27 9.40 7.71
C GLU G 76 -20.58 8.09 7.42
N GLU G 77 -19.35 8.16 6.89
CA GLU G 77 -18.59 6.96 6.61
C GLU G 77 -18.07 6.35 7.95
N PHE G 78 -17.63 7.21 8.85
CA PHE G 78 -17.10 6.77 10.15
C PHE G 78 -18.11 5.95 10.97
N ILE G 79 -19.31 6.50 11.16
CA ILE G 79 -20.31 5.81 11.95
C ILE G 79 -20.65 4.42 11.49
N MET G 80 -20.41 4.10 10.21
CA MET G 80 -20.72 2.75 9.74
C MET G 80 -19.85 1.76 10.49
N LEU G 81 -18.78 2.23 11.15
CA LEU G 81 -17.94 1.27 11.91
C LEU G 81 -18.83 0.62 12.98
N MET G 82 -19.82 1.36 13.48
CA MET G 82 -20.70 0.78 14.51
C MET G 82 -21.43 -0.42 13.96
N ALA G 83 -21.85 -0.33 12.70
CA ALA G 83 -22.55 -1.42 12.05
C ALA G 83 -21.64 -2.58 11.74
N ARG G 84 -20.33 -2.36 11.72
CA ARG G 84 -19.42 -3.44 11.40
C ARG G 84 -19.08 -4.31 12.61
N LEU G 85 -19.42 -3.84 13.80
CA LEU G 85 -19.14 -4.59 15.02
C LEU G 85 -20.05 -5.80 15.07
N THR H 1 -9.46 -6.63 30.32
CA THR H 1 -10.49 -5.91 31.14
C THR H 1 -11.82 -5.72 30.41
N CYS H 2 -12.88 -5.61 31.18
CA CYS H 2 -14.21 -5.40 30.64
C CYS H 2 -14.44 -3.91 30.49
N LYS H 3 -13.53 -3.10 31.05
CA LYS H 3 -13.62 -1.65 31.03
C LYS H 3 -13.71 -1.00 29.64
N MET H 4 -14.62 -0.04 29.50
CA MET H 4 -14.81 0.66 28.24
C MET H 4 -14.55 2.16 28.29
N SER H 5 -14.18 2.70 27.14
CA SER H 5 -13.94 4.12 27.01
C SER H 5 -15.32 4.75 26.85
N GLN H 6 -15.38 6.06 26.95
CA GLN H 6 -16.60 6.82 26.77
C GLN H 6 -17.19 6.59 25.36
N LEU H 7 -16.32 6.53 24.34
CA LEU H 7 -16.79 6.30 22.96
C LEU H 7 -17.44 4.91 22.86
N GLU H 8 -16.81 3.91 23.43
CA GLU H 8 -17.37 2.58 23.37
C GLU H 8 -18.75 2.49 24.03
N ARG H 9 -18.97 3.24 25.09
CA ARG H 9 -20.27 3.26 25.78
C ARG H 9 -21.26 4.01 24.91
N ASN H 10 -20.83 5.11 24.29
CA ASN H 10 -21.72 5.85 23.41
C ASN H 10 -22.23 4.86 22.33
N ILE H 11 -21.29 4.17 21.71
CA ILE H 11 -21.61 3.21 20.65
C ILE H 11 -22.54 2.13 21.17
N GLU H 12 -22.15 1.51 22.28
CA GLU H 12 -22.98 0.47 22.86
C GLU H 12 -24.41 0.98 23.03
N THR H 13 -24.54 2.23 23.45
CA THR H 13 -25.85 2.85 23.66
C THR H 13 -26.71 3.01 22.40
N ILE H 14 -26.09 3.44 21.31
CA ILE H 14 -26.80 3.60 20.05
C ILE H 14 -27.30 2.22 19.60
N ILE H 15 -26.42 1.23 19.65
CA ILE H 15 -26.75 -0.13 19.23
C ILE H 15 -27.86 -0.76 20.06
N ASN H 16 -27.75 -0.65 21.38
CA ASN H 16 -28.75 -1.23 22.25
C ASN H 16 -30.09 -0.52 22.12
N THR H 17 -30.05 0.79 21.95
CA THR H 17 -31.30 1.51 21.80
C THR H 17 -31.97 1.07 20.50
N PHE H 18 -31.22 1.03 19.41
CA PHE H 18 -31.78 0.56 18.13
C PHE H 18 -32.43 -0.82 18.30
N HIS H 19 -31.68 -1.78 18.84
CA HIS H 19 -32.22 -3.12 19.01
C HIS H 19 -33.37 -3.19 20.00
N GLN H 20 -33.40 -2.27 20.96
CA GLN H 20 -34.48 -2.24 21.93
C GLN H 20 -35.79 -2.11 21.19
N TYR H 21 -35.80 -1.28 20.14
CA TYR H 21 -37.00 -1.08 19.37
C TYR H 21 -37.16 -2.01 18.17
N SER H 22 -36.05 -2.44 17.58
CA SER H 22 -36.11 -3.31 16.40
C SER H 22 -36.55 -4.74 16.67
N VAL H 23 -36.36 -5.20 17.90
CA VAL H 23 -36.74 -6.55 18.25
C VAL H 23 -38.24 -6.66 18.56
N LYS H 24 -38.89 -5.52 18.75
CA LYS H 24 -40.32 -5.51 19.08
C LYS H 24 -41.26 -6.19 18.10
N LEU H 25 -41.11 -5.93 16.80
CA LEU H 25 -41.99 -6.52 15.80
C LEU H 25 -41.28 -7.03 14.55
N GLY H 26 -41.89 -8.03 13.90
CA GLY H 26 -41.33 -8.59 12.68
C GLY H 26 -39.84 -8.88 12.74
N HIS H 27 -39.10 -8.50 11.69
CA HIS H 27 -37.67 -8.76 11.71
C HIS H 27 -37.08 -8.06 12.94
N PRO H 28 -36.28 -8.81 13.71
CA PRO H 28 -35.62 -8.34 14.93
C PRO H 28 -34.52 -7.30 14.72
N ASP H 29 -33.93 -7.28 13.52
CA ASP H 29 -32.83 -6.36 13.24
C ASP H 29 -33.16 -5.08 12.49
N THR H 30 -34.40 -4.86 12.12
CA THR H 30 -34.73 -3.65 11.41
C THR H 30 -35.91 -3.02 12.10
N LEU H 31 -36.12 -1.73 11.86
CA LEU H 31 -37.23 -0.94 12.43
C LEU H 31 -38.35 -0.78 11.39
N ASN H 32 -39.58 -1.16 11.72
CA ASN H 32 -40.66 -0.94 10.77
C ASN H 32 -41.14 0.42 11.16
N GLN H 33 -42.14 0.94 10.44
CA GLN H 33 -42.67 2.26 10.72
C GLN H 33 -43.12 2.38 12.17
N GLY H 34 -43.78 1.36 12.68
CA GLY H 34 -44.24 1.41 14.06
C GLY H 34 -43.10 1.52 15.06
N GLU H 35 -42.06 0.71 14.88
CA GLU H 35 -40.91 0.73 15.78
C GLU H 35 -40.18 2.08 15.70
N PHE H 36 -40.01 2.59 14.48
CA PHE H 36 -39.32 3.86 14.30
C PHE H 36 -40.02 5.01 14.99
N LYS H 37 -41.33 5.14 14.79
CA LYS H 37 -42.08 6.22 15.45
C LYS H 37 -42.00 6.16 16.97
N GLU H 38 -42.01 4.95 17.51
CA GLU H 38 -41.93 4.75 18.96
C GLU H 38 -40.56 5.28 19.41
N LEU H 39 -39.49 4.81 18.78
CA LEU H 39 -38.14 5.26 19.13
C LEU H 39 -38.03 6.78 19.09
N VAL H 40 -38.52 7.39 18.01
CA VAL H 40 -38.45 8.83 17.86
C VAL H 40 -39.25 9.53 18.97
N ARG H 41 -40.47 9.05 19.20
CA ARG H 41 -41.34 9.62 20.21
C ARG H 41 -40.74 9.57 21.62
N LYS H 42 -40.18 8.42 21.99
CA LYS H 42 -39.60 8.25 23.32
C LYS H 42 -38.17 8.79 23.49
N ASP H 43 -37.31 8.54 22.50
CA ASP H 43 -35.91 8.94 22.63
C ASP H 43 -35.31 10.05 21.74
N LEU H 44 -36.11 10.65 20.87
CA LEU H 44 -35.63 11.77 20.05
C LEU H 44 -36.64 12.92 20.25
N GLN H 45 -37.12 13.03 21.49
CA GLN H 45 -38.10 14.03 21.84
C GLN H 45 -37.57 15.48 21.71
N ASN H 46 -36.26 15.65 21.82
CA ASN H 46 -35.66 16.97 21.71
C ASN H 46 -35.07 17.24 20.32
N PHE H 47 -34.25 16.32 19.82
CA PHE H 47 -33.66 16.49 18.50
C PHE H 47 -34.72 16.62 17.43
N LEU H 48 -35.83 15.91 17.61
CA LEU H 48 -36.93 15.97 16.66
C LEU H 48 -38.23 16.48 17.30
N LYS H 49 -38.08 17.46 18.19
CA LYS H 49 -39.22 18.04 18.90
C LYS H 49 -40.29 18.53 17.93
N LYS H 50 -39.92 19.48 17.08
CA LYS H 50 -40.84 20.04 16.10
C LYS H 50 -41.49 18.96 15.23
N GLU H 51 -40.67 18.06 14.70
CA GLU H 51 -41.16 17.00 13.83
C GLU H 51 -42.08 16.01 14.54
N ASN H 52 -41.82 15.75 15.82
CA ASN H 52 -42.63 14.81 16.58
C ASN H 52 -44.09 15.24 16.64
N LYS H 53 -44.34 16.53 16.48
CA LYS H 53 -45.70 17.06 16.52
C LYS H 53 -46.54 16.71 15.29
N ASN H 54 -45.88 16.21 14.26
CA ASN H 54 -46.58 15.85 13.02
C ASN H 54 -46.21 14.44 12.61
N GLU H 55 -47.09 13.49 12.88
CA GLU H 55 -46.84 12.10 12.55
C GLU H 55 -46.46 11.87 11.07
N LYS H 56 -46.96 12.74 10.20
CA LYS H 56 -46.66 12.61 8.76
C LYS H 56 -45.20 12.96 8.49
N VAL H 57 -44.69 13.92 9.26
CA VAL H 57 -43.30 14.33 9.14
C VAL H 57 -42.39 13.16 9.54
N ILE H 58 -42.76 12.47 10.61
CA ILE H 58 -41.99 11.33 11.10
C ILE H 58 -41.94 10.24 10.04
N GLU H 59 -43.08 9.98 9.40
CA GLU H 59 -43.13 8.97 8.35
C GLU H 59 -42.22 9.38 7.18
N HIS H 60 -42.16 10.69 6.93
CA HIS H 60 -41.32 11.21 5.85
C HIS H 60 -39.87 11.02 6.19
N ILE H 61 -39.49 11.35 7.42
CA ILE H 61 -38.11 11.17 7.84
C ILE H 61 -37.75 9.71 7.63
N MET H 62 -38.64 8.80 8.02
CA MET H 62 -38.32 7.39 7.84
C MET H 62 -38.15 7.01 6.36
N GLU H 63 -39.04 7.50 5.51
CA GLU H 63 -38.97 7.17 4.09
C GLU H 63 -37.67 7.73 3.51
N ASP H 64 -37.23 8.87 4.01
CA ASP H 64 -35.99 9.43 3.53
C ASP H 64 -34.75 8.75 4.10
N LEU H 65 -34.94 7.93 5.14
CA LEU H 65 -33.83 7.17 5.72
C LEU H 65 -33.81 5.78 5.11
N ASP H 66 -34.96 5.36 4.59
CA ASP H 66 -35.11 4.04 4.00
C ASP H 66 -34.61 4.02 2.56
N THR H 67 -33.28 4.07 2.43
CA THR H 67 -32.61 4.11 1.14
C THR H 67 -33.09 3.06 0.11
N ASN H 68 -33.19 1.80 0.51
CA ASN H 68 -33.64 0.77 -0.43
C ASN H 68 -35.17 0.63 -0.51
N ALA H 69 -35.89 1.56 0.13
CA ALA H 69 -37.34 1.60 0.14
C ALA H 69 -38.09 0.27 0.40
N ASP H 70 -37.60 -0.53 1.33
CA ASP H 70 -38.30 -1.78 1.65
C ASP H 70 -39.15 -1.63 2.90
N LYS H 71 -39.44 -0.39 3.30
CA LYS H 71 -40.28 -0.14 4.47
C LYS H 71 -39.73 -0.63 5.83
N GLN H 72 -38.42 -0.79 5.92
CA GLN H 72 -37.74 -1.22 7.15
C GLN H 72 -36.44 -0.42 7.19
N LEU H 73 -35.99 -0.06 8.39
CA LEU H 73 -34.72 0.64 8.49
C LEU H 73 -33.69 -0.28 9.11
N SER H 74 -32.64 -0.60 8.36
CA SER H 74 -31.57 -1.43 8.91
C SER H 74 -30.82 -0.52 9.87
N PHE H 75 -29.87 -1.07 10.61
CA PHE H 75 -29.09 -0.25 11.53
C PHE H 75 -28.32 0.80 10.70
N GLU H 76 -27.69 0.35 9.62
CA GLU H 76 -26.94 1.28 8.75
C GLU H 76 -27.79 2.42 8.21
N GLU H 77 -29.05 2.14 7.85
CA GLU H 77 -29.93 3.19 7.35
C GLU H 77 -30.34 4.16 8.47
N PHE H 78 -30.61 3.60 9.65
CA PHE H 78 -31.04 4.42 10.77
C PHE H 78 -30.00 5.41 11.24
N ILE H 79 -28.76 4.94 11.42
CA ILE H 79 -27.75 5.85 11.95
C ILE H 79 -27.45 7.06 11.08
N MET H 80 -27.76 6.96 9.79
CA MET H 80 -27.58 8.10 8.90
C MET H 80 -28.31 9.28 9.52
N LEU H 81 -29.32 9.00 10.33
CA LEU H 81 -30.06 10.07 10.99
C LEU H 81 -29.14 10.94 11.87
N MET H 82 -28.09 10.31 12.43
CA MET H 82 -27.15 11.04 13.27
C MET H 82 -26.42 12.13 12.47
N ALA H 83 -26.14 11.83 11.21
CA ALA H 83 -25.47 12.78 10.33
C ALA H 83 -26.45 13.87 9.85
N ARG H 84 -27.74 13.59 9.95
CA ARG H 84 -28.76 14.54 9.50
C ARG H 84 -29.16 15.53 10.57
N LEU H 85 -29.03 15.14 11.84
CA LEU H 85 -29.37 16.03 12.94
C LEU H 85 -28.30 17.11 13.07
CA CA I . -10.99 -38.45 15.39
CA CA J . -0.71 -33.75 15.62
CA CA K . 5.74 -18.09 -10.27
CA CA L . 7.66 -18.48 0.92
C1 CPS M . -6.52 -9.45 8.82
C2 CPS M . -6.14 -10.40 7.69
C3 CPS M . -8.46 -11.48 7.55
C4 CPS M . -9.61 -12.63 7.47
C5 CPS M . -9.21 -13.65 6.46
C6 CPS M . -7.75 -14.00 6.59
C7 CPS M . -7.44 -15.06 5.57
C8 CPS M . -8.89 -15.76 5.32
C9 CPS M . -9.89 -14.88 6.27
C10 CPS M . -9.27 -12.82 4.90
C11 CPS M . -6.27 -9.72 6.23
C12 CPS M . -6.26 -9.98 10.22
C13 CPS M . -4.86 -10.43 10.44
C14 CPS M . -4.42 -11.49 9.37
C15 CPS M . -4.68 -10.87 7.92
C16 CPS M . -4.25 -11.85 6.91
C17 CPS M . -5.05 -13.13 6.70
C18 CPS M . -6.67 -12.91 6.54
C19 CPS M . -6.98 -11.73 7.71
C20 CPS M . -11.35 -14.93 5.65
C21 CPS M . -12.43 -14.14 6.36
C22 CPS M . -11.83 -16.41 5.52
C23 CPS M . -13.14 -16.55 4.93
C24 CPS M . -13.54 -17.89 4.62
C25 CPS M . -15.13 -19.13 3.16
C26 CPS M . -16.53 -18.65 3.47
C27 CPS M . -17.01 -19.28 4.76
N1 CPS M . -14.17 -18.01 3.30
O1 CPS M . -13.57 -18.77 5.48
O2 CPS M . -4.62 -10.99 11.83
O3 CPS M . -4.98 -13.98 7.72
O4 CPS M . -9.56 -13.21 8.54
CA CA N . 36.99 21.48 5.43
CA CA O . 33.65 11.68 9.48
CA CA P . 3.45 12.49 17.92
CA CA Q . 12.08 5.69 15.25
C1 CPS R . 13.38 5.52 -2.98
C2 CPS R . 13.13 6.45 -1.78
C3 CPS R . 13.76 8.60 -3.01
C4 CPS R . 14.45 10.05 -3.31
C5 CPS R . 14.23 10.94 -2.12
C6 CPS R . 14.53 10.20 -0.83
C7 CPS R . 14.34 11.15 0.31
C8 CPS R . 14.55 12.60 -0.40
C9 CPS R . 14.83 12.23 -1.97
C10 CPS R . 12.52 11.24 -2.05
C11 CPS R . 11.60 6.89 -1.64
C12 CPS R . 14.77 4.92 -3.04
C13 CPS R . 15.17 4.20 -1.82
C14 CPS R . 15.04 5.11 -0.55
C15 CPS R . 13.56 5.68 -0.50
C16 CPS R . 13.41 6.51 0.72
C17 CPS R . 14.09 7.89 0.80
C18 CPS R . 13.84 8.86 -0.51
C19 CPS R . 14.01 7.75 -1.79
C20 CPS R . 14.40 13.47 -2.86
C21 CPS R . 14.48 13.33 -4.38
C22 CPS R . 15.22 14.73 -2.42
C23 CPS R . 14.90 15.95 -3.14
C24 CPS R . 15.60 17.10 -2.67
C25 CPS R . 15.48 19.56 -2.37
C26 CPS R . 15.03 20.57 -3.43
C27 CPS R . 15.73 20.30 -4.74
N1 CPS R . 14.76 18.29 -2.57
O1 CPS R . 16.84 17.14 -2.60
O2 CPS R . 16.58 3.61 -1.88
O3 CPS R . 15.39 7.83 0.88
O4 CPS R . 15.66 9.82 -3.33
C1 CPS S . 11.56 8.12 -6.16
C2 CPS S . 11.15 7.26 -7.36
C3 CPS S . 13.46 7.28 -8.46
C4 CPS S . 14.63 7.36 -9.60
C5 CPS S . 14.20 6.57 -10.78
C6 CPS S . 12.74 6.87 -11.13
C7 CPS S . 12.39 6.08 -12.36
C8 CPS S . 13.85 5.83 -13.06
C9 CPS S . 14.92 6.53 -12.02
C10 CPS S . 14.14 4.91 -10.23
C11 CPS S . 11.27 5.69 -7.07
C12 CPS S . 11.27 9.60 -6.29
C13 CPS S . 9.86 9.91 -6.62
C14 CPS S . 9.40 9.15 -7.93
C15 CPS S . 9.69 7.61 -7.71
C16 CPS S . 9.22 6.89 -8.92
C17 CPS S . 10.01 6.99 -10.24
C18 CPS S . 11.63 6.70 -10.08
C19 CPS S . 11.99 7.55 -8.66
C20 CPS S . 16.31 5.75 -12.19
C21 CPS S . 17.45 6.10 -11.24
C22 CPS S . 16.81 5.89 -13.67
C23 CPS S . 18.05 5.20 -13.96
C24 CPS S . 18.74 5.65 -15.15
C25 CPS S . 20.48 7.18 -14.26
C26 CPS S . 20.24 8.13 -13.09
C27 CPS S . 19.88 9.51 -13.62
N1 CPS S . 19.26 7.02 -15.05
O1 CPS S . 19.10 4.86 -16.03
O2 CPS S . 9.58 11.41 -6.78
O3 CPS S . 9.97 8.19 -10.78
O4 CPS S . 14.65 8.51 -9.97
CA CA T . -1.90 -7.84 -18.19
CA CA U . -2.93 3.27 -16.42
CA CA V . 17.75 20.05 -33.19
CA CA W . 7.21 20.37 -28.34
CA CA X . -8.86 15.87 9.52
CA CA Y . -14.13 9.01 2.11
C1 CPS Z . -10.33 -8.13 7.22
C2 CPS Z . -10.65 -6.77 7.82
C3 CPS Z . -11.71 -7.73 9.95
C4 CPS Z . -12.76 -7.95 11.17
C5 CPS Z . -13.15 -6.60 11.71
C6 CPS Z . -13.45 -5.63 10.58
C7 CPS Z . -13.87 -4.32 11.17
C8 CPS Z . -14.40 -4.76 12.65
C9 CPS Z . -14.15 -6.38 12.70
C10 CPS Z . -11.68 -5.94 12.39
C11 CPS Z . -9.42 -6.16 8.62
C12 CPS Z . -11.40 -8.71 6.33
C13 CPS Z . -11.79 -7.82 5.21
C14 CPS Z . -12.23 -6.39 5.75
C15 CPS Z . -11.06 -5.81 6.67
C16 CPS Z . -11.45 -4.49 7.16
C17 CPS Z . -12.59 -4.39 8.18
C18 CPS Z . -12.41 -5.35 9.49
C19 CPS Z . -11.90 -6.80 8.77
C20 CPS Z . -13.93 -6.76 14.24
C21 CPS Z . -13.54 -8.19 14.56
C22 CPS Z . -15.21 -6.36 15.05
C23 CPS Z . -15.15 -6.62 16.48
C24 CPS Z . -16.37 -6.30 17.20
C25 CPS Z . -17.30 -5.49 19.38
C26 CPS Z . -17.10 -6.43 20.56
C27 CPS Z . -18.42 -6.62 21.28
N1 CPS Z . -16.14 -5.57 18.47
O1 CPS Z . -17.46 -6.79 16.89
O2 CPS Z . -12.90 -8.38 4.33
O3 CPS Z . -13.79 -4.74 7.71
O4 CPS Z . -13.79 -8.41 10.65
CA CA AA . -38.45 -5.02 13.83
CA CA BA . -34.64 -0.22 4.20
#